data_3A9X
#
_entry.id   3A9X
#
_cell.length_a   54.445
_cell.length_b   102.771
_cell.length_c   197.753
_cell.angle_alpha   90.00
_cell.angle_beta   90.00
_cell.angle_gamma   90.00
#
_symmetry.space_group_name_H-M   'P 21 21 21'
#
loop_
_entity.id
_entity.type
_entity.pdbx_description
1 polymer 'Selenocysteine lyase'
2 non-polymer "PYRIDOXAL-5'-PHOSPHATE"
3 non-polymer 'PHOSPHATE ION'
4 water water
#
_entity_poly.entity_id   1
_entity_poly.type   'polypeptide(L)'
_entity_poly.pdbx_seq_one_letter_code
;MDVARNGARGSVESPPNRKVYMDYNATTPLEPEVIQAVTEAMKEAWGNPSSSYVAGRKAKDIINTARASLAKMIGGKPQD
IIFTSGGTESNNLVIHSTVRCFHEQQTLQGRTVDQISPEEGTRPHFITCTVEHDSIRLPLEHLVEDQVAEVTFVPVSKVN
GQVEVEDILAAVRPTTCLVTIMLANNETGVIMPISEISRRIKALNQIRAASGLPRVLVHTDAAQALGKRRVDVEDLGVDF
LTIVGHKFYGPRIGALYVRGVGKLTPLYPMLFGGGQERNFRPGTENTPMIAGLGKAADLVSENCETYEAHMRDIRDYLEE
RLEAEFGKRIHLNSRFPGVERLPNTCNFSIQGSQLRGYMVLAQCQTLLASVGASCHSDHEDRPSPVLLSCGIPVDVARNA
VRLSVGRSTTRAEVDLIVQDLKQAVNQLEGPV
;
_entity_poly.pdbx_strand_id   A,B
#
# COMPACT_ATOMS: atom_id res chain seq x y z
N ASN A 17 -3.00 -5.41 -38.41
CA ASN A 17 -1.59 -5.73 -38.06
C ASN A 17 -1.65 -5.86 -36.52
N ARG A 18 -2.69 -5.19 -36.02
CA ARG A 18 -3.14 -4.96 -34.63
C ARG A 18 -3.36 -6.19 -33.77
N LYS A 19 -3.10 -6.01 -32.48
CA LYS A 19 -3.27 -7.05 -31.48
C LYS A 19 -4.70 -7.07 -30.98
N VAL A 20 -5.17 -8.24 -30.52
CA VAL A 20 -6.53 -8.34 -29.97
C VAL A 20 -6.32 -8.83 -28.54
N TYR A 21 -6.70 -7.99 -27.58
CA TYR A 21 -6.52 -8.26 -26.18
C TYR A 21 -7.67 -9.07 -25.65
N MET A 22 -7.35 -10.20 -25.08
CA MET A 22 -8.35 -11.07 -24.45
C MET A 22 -7.78 -11.61 -23.15
N ASP A 23 -7.20 -10.71 -22.35
CA ASP A 23 -6.66 -11.10 -21.08
C ASP A 23 -7.17 -10.14 -20.00
N TYR A 24 -8.43 -9.75 -20.11
CA TYR A 24 -9.00 -8.82 -19.14
C TYR A 24 -9.05 -9.37 -17.71
N ASN A 25 -9.02 -10.69 -17.49
CA ASN A 25 -9.04 -11.17 -16.11
C ASN A 25 -7.66 -11.00 -15.40
N ALA A 26 -6.62 -10.70 -16.18
CA ALA A 26 -5.29 -10.49 -15.64
C ALA A 26 -5.19 -8.96 -15.34
N THR A 27 -5.62 -8.12 -16.28
CA THR A 27 -5.71 -6.69 -15.98
C THR A 27 -6.52 -5.96 -17.03
N THR A 28 -6.93 -4.74 -16.69
CA THR A 28 -7.72 -3.98 -17.63
C THR A 28 -7.20 -2.59 -17.85
N PRO A 29 -7.49 -2.00 -19.01
CA PRO A 29 -6.98 -0.63 -19.17
C PRO A 29 -7.90 0.24 -18.33
N LEU A 30 -7.50 1.48 -18.06
CA LEU A 30 -8.30 2.38 -17.24
C LEU A 30 -9.36 3.07 -18.09
N GLU A 31 -10.60 3.16 -17.59
CA GLU A 31 -11.64 3.86 -18.37
C GLU A 31 -11.13 5.30 -18.49
N PRO A 32 -11.46 5.99 -19.60
CA PRO A 32 -11.01 7.38 -19.78
C PRO A 32 -11.50 8.30 -18.63
N GLU A 33 -12.72 8.08 -18.16
CA GLU A 33 -13.30 8.86 -17.07
C GLU A 33 -12.48 8.65 -15.75
N VAL A 34 -12.01 7.42 -15.54
CA VAL A 34 -11.19 7.12 -14.39
C VAL A 34 -9.90 7.90 -14.49
N ILE A 35 -9.27 7.87 -15.66
CA ILE A 35 -8.01 8.60 -15.84
C ILE A 35 -8.17 10.08 -15.49
N GLN A 36 -9.27 10.67 -15.98
CA GLN A 36 -9.57 12.08 -15.71
C GLN A 36 -9.72 12.36 -14.20
N ALA A 37 -10.50 11.54 -13.49
CA ALA A 37 -10.69 11.73 -12.04
C ALA A 37 -9.30 11.72 -11.30
N VAL A 38 -8.45 10.78 -11.66
CA VAL A 38 -7.12 10.70 -11.06
C VAL A 38 -6.29 11.97 -11.34
N THR A 39 -6.31 12.40 -12.60
CA THR A 39 -5.53 13.56 -13.00
C THR A 39 -6.05 14.79 -12.25
N GLU A 40 -7.37 14.97 -12.24
CA GLU A 40 -7.96 16.12 -11.54
C GLU A 40 -7.61 16.09 -10.04
N ALA A 41 -7.78 14.94 -9.40
CA ALA A 41 -7.45 14.83 -7.98
C ALA A 41 -6.00 15.20 -7.72
N MET A 42 -5.11 14.77 -8.62
CA MET A 42 -3.69 15.07 -8.41
C MET A 42 -3.44 16.58 -8.42
N LYS A 43 -4.17 17.22 -9.31
CA LYS A 43 -4.03 18.64 -9.54
C LYS A 43 -4.66 19.51 -8.49
N GLU A 44 -5.87 19.16 -8.11
CA GLU A 44 -6.69 19.92 -7.20
C GLU A 44 -6.94 19.43 -5.82
N ALA A 45 -6.71 18.14 -5.55
CA ALA A 45 -6.96 17.64 -4.20
C ALA A 45 -5.72 17.00 -3.62
N TRP A 46 -4.64 17.76 -3.68
CA TRP A 46 -3.33 17.31 -3.26
C TRP A 46 -3.04 17.48 -1.75
N GLY A 47 -3.92 18.19 -1.05
CA GLY A 47 -3.69 18.43 0.36
C GLY A 47 -3.81 17.24 1.30
N ASN A 48 -3.36 17.41 2.56
CA ASN A 48 -3.50 16.34 3.54
C ASN A 48 -4.92 16.26 3.93
N PRO A 49 -5.52 15.08 3.74
CA PRO A 49 -6.94 14.85 4.04
C PRO A 49 -7.63 15.33 5.27
N SER A 50 -6.90 15.59 6.36
CA SER A 50 -7.53 16.12 7.60
C SER A 50 -7.80 17.67 7.59
N SER A 51 -6.84 18.42 7.05
CA SER A 51 -6.85 19.86 6.95
C SER A 51 -8.15 20.50 6.42
N SER A 52 -8.32 21.80 6.72
CA SER A 52 -9.49 22.63 6.34
C SER A 52 -9.25 23.50 5.10
N TYR A 53 -8.04 23.62 4.59
CA TYR A 53 -7.88 24.36 3.33
C TYR A 53 -8.49 23.57 2.16
N VAL A 54 -8.71 24.30 1.06
CA VAL A 54 -9.35 23.75 -0.17
C VAL A 54 -8.86 22.40 -0.71
N ALA A 55 -7.57 22.32 -0.98
CA ALA A 55 -6.97 21.08 -1.49
C ALA A 55 -7.17 19.95 -0.48
N GLY A 56 -7.07 20.26 0.81
CA GLY A 56 -7.30 19.26 1.86
C GLY A 56 -8.77 18.79 1.86
N ARG A 57 -9.70 19.78 1.89
CA ARG A 57 -11.15 19.59 1.88
C ARG A 57 -11.58 18.88 0.59
N LYS A 58 -10.94 19.20 -0.51
CA LYS A 58 -11.36 18.49 -1.68
C LYS A 58 -10.93 16.99 -1.49
N ALA A 59 -9.74 16.73 -0.89
CA ALA A 59 -9.25 15.35 -0.71
C ALA A 59 -10.24 14.62 0.18
N LYS A 60 -10.61 15.22 1.31
CA LYS A 60 -11.61 14.65 2.23
C LYS A 60 -12.89 14.24 1.48
N ASP A 61 -13.50 15.19 0.78
CA ASP A 61 -14.71 14.91 0.04
C ASP A 61 -14.49 13.84 -1.00
N ILE A 62 -13.34 13.86 -1.71
CA ILE A 62 -13.10 12.79 -2.67
C ILE A 62 -13.09 11.43 -2.00
N ILE A 63 -12.32 11.30 -0.93
CA ILE A 63 -12.19 10.00 -0.23
C ILE A 63 -13.56 9.56 0.26
N ASN A 64 -14.29 10.47 0.91
CA ASN A 64 -15.66 10.21 1.39
C ASN A 64 -16.60 9.74 0.25
N THR A 65 -16.51 10.39 -0.89
CA THR A 65 -17.35 10.02 -2.02
C THR A 65 -16.98 8.66 -2.58
N ALA A 66 -15.68 8.40 -2.66
CA ALA A 66 -15.22 7.14 -3.17
C ALA A 66 -15.66 6.00 -2.23
N ARG A 67 -15.71 6.27 -0.91
CA ARG A 67 -16.09 5.25 0.05
C ARG A 67 -17.53 4.88 -0.24
N ALA A 68 -18.37 5.89 -0.42
CA ALA A 68 -19.77 5.64 -0.75
C ALA A 68 -19.90 4.89 -2.08
N SER A 69 -19.14 5.27 -3.10
CA SER A 69 -19.19 4.61 -4.41
C SER A 69 -18.91 3.08 -4.26
N LEU A 70 -17.80 2.71 -3.62
CA LEU A 70 -17.51 1.29 -3.42
C LEU A 70 -18.64 0.60 -2.64
N ALA A 71 -19.16 1.23 -1.59
CA ALA A 71 -20.25 0.59 -0.86
C ALA A 71 -21.45 0.30 -1.76
N LYS A 72 -21.82 1.26 -2.58
CA LYS A 72 -22.96 1.07 -3.45
C LYS A 72 -22.72 -0.07 -4.43
N MET A 73 -21.50 -0.12 -4.97
CA MET A 73 -21.20 -1.13 -5.93
C MET A 73 -21.51 -2.51 -5.38
N ILE A 74 -21.27 -2.71 -4.09
CA ILE A 74 -21.48 -4.02 -3.51
C ILE A 74 -22.64 -4.15 -2.54
N GLY A 75 -23.51 -3.14 -2.50
CA GLY A 75 -24.67 -3.24 -1.62
C GLY A 75 -24.34 -3.24 -0.13
N GLY A 76 -23.21 -2.62 0.23
CA GLY A 76 -22.83 -2.49 1.63
C GLY A 76 -22.95 -1.03 2.04
N LYS A 77 -22.38 -0.67 3.19
CA LYS A 77 -22.43 0.72 3.67
C LYS A 77 -21.02 1.33 3.66
N PRO A 78 -20.93 2.65 3.45
CA PRO A 78 -19.63 3.36 3.41
C PRO A 78 -18.66 2.96 4.53
N GLN A 79 -19.16 2.92 5.76
CA GLN A 79 -18.29 2.56 6.89
C GLN A 79 -17.72 1.13 6.80
N ASP A 80 -18.29 0.28 5.95
CA ASP A 80 -17.79 -1.10 5.82
C ASP A 80 -16.58 -1.19 4.83
N ILE A 81 -16.20 -0.06 4.25
CA ILE A 81 -15.13 -0.07 3.25
C ILE A 81 -13.81 0.44 3.77
N ILE A 82 -12.76 -0.35 3.62
CA ILE A 82 -11.42 0.09 4.02
C ILE A 82 -10.56 0.11 2.77
N PHE A 83 -9.89 1.23 2.54
CA PHE A 83 -9.06 1.35 1.34
C PHE A 83 -7.72 0.67 1.58
N THR A 84 -7.19 0.00 0.56
CA THR A 84 -5.89 -0.67 0.64
C THR A 84 -5.07 -0.39 -0.65
N SER A 85 -3.82 -0.88 -0.65
CA SER A 85 -2.94 -0.70 -1.79
C SER A 85 -3.23 -1.64 -2.96
N GLY A 86 -4.06 -2.63 -2.74
CA GLY A 86 -4.39 -3.59 -3.79
C GLY A 86 -5.06 -4.87 -3.28
N GLY A 87 -5.39 -5.78 -4.20
CA GLY A 87 -5.99 -7.04 -3.81
C GLY A 87 -5.09 -7.83 -2.89
N THR A 88 -3.79 -7.83 -3.15
CA THR A 88 -2.86 -8.62 -2.33
C THR A 88 -2.90 -8.14 -0.88
N GLU A 89 -2.82 -6.83 -0.70
CA GLU A 89 -2.90 -6.32 0.67
C GLU A 89 -4.23 -6.69 1.32
N SER A 90 -5.34 -6.50 0.63
CA SER A 90 -6.66 -6.83 1.17
C SER A 90 -6.73 -8.29 1.61
N ASN A 91 -6.28 -9.18 0.72
CA ASN A 91 -6.31 -10.61 1.00
C ASN A 91 -5.42 -10.99 2.21
N ASN A 92 -4.19 -10.48 2.24
CA ASN A 92 -3.26 -10.71 3.33
C ASN A 92 -3.85 -10.15 4.64
N LEU A 93 -4.49 -8.99 4.56
CA LEU A 93 -5.07 -8.34 5.76
C LEU A 93 -6.14 -9.22 6.44
N VAL A 94 -7.02 -9.80 5.62
CA VAL A 94 -8.06 -10.66 6.18
C VAL A 94 -7.39 -11.85 6.90
N ILE A 95 -6.47 -12.50 6.21
CA ILE A 95 -5.79 -13.68 6.76
C ILE A 95 -5.05 -13.29 8.05
N HIS A 96 -4.32 -12.19 8.00
CA HIS A 96 -3.58 -11.71 9.17
C HIS A 96 -4.51 -11.40 10.37
N SER A 97 -5.60 -10.71 10.09
CA SER A 97 -6.49 -10.33 11.13
C SER A 97 -7.07 -11.55 11.80
N THR A 98 -7.27 -12.59 11.02
CA THR A 98 -7.90 -13.77 11.58
C THR A 98 -7.01 -14.42 12.61
N VAL A 99 -5.73 -14.52 12.31
CA VAL A 99 -4.80 -15.14 13.24
C VAL A 99 -4.83 -14.31 14.52
N ARG A 100 -4.72 -12.99 14.36
CA ARG A 100 -4.70 -12.13 15.53
C ARG A 100 -5.99 -12.25 16.35
N CYS A 101 -7.12 -12.37 15.66
CA CYS A 101 -8.41 -12.48 16.31
C CYS A 101 -8.45 -13.73 17.19
N PHE A 102 -7.94 -14.83 16.64
CA PHE A 102 -7.92 -16.10 17.36
C PHE A 102 -7.06 -15.93 18.60
N HIS A 103 -5.89 -15.33 18.45
CA HIS A 103 -5.04 -15.19 19.62
C HIS A 103 -5.73 -14.30 20.63
N GLU A 104 -6.43 -13.27 20.19
CA GLU A 104 -7.10 -12.43 21.18
C GLU A 104 -8.24 -13.13 21.89
N GLN A 105 -8.90 -14.12 21.25
CA GLN A 105 -10.01 -14.87 21.86
C GLN A 105 -9.46 -16.00 22.82
N GLN A 106 -8.23 -16.47 22.64
CA GLN A 106 -7.67 -17.52 23.52
C GLN A 106 -7.10 -16.84 24.79
N THR A 107 -6.72 -15.58 24.66
CA THR A 107 -6.14 -14.84 25.78
C THR A 107 -7.30 -14.28 26.58
N LEU A 108 -8.44 -14.13 25.95
CA LEU A 108 -9.57 -13.62 26.71
C LEU A 108 -10.30 -14.72 27.47
N GLN A 109 -10.29 -15.99 26.99
CA GLN A 109 -10.96 -17.07 27.77
C GLN A 109 -10.04 -17.28 29.00
N GLY A 110 -8.71 -17.29 28.75
CA GLY A 110 -7.71 -17.49 29.80
C GLY A 110 -7.26 -16.25 30.58
N GLU A 120 0.79 -22.07 18.83
CA GLU A 120 1.64 -23.29 18.68
C GLU A 120 0.94 -24.44 19.36
N GLY A 121 0.19 -24.07 20.42
CA GLY A 121 -0.63 -24.97 21.23
C GLY A 121 -1.87 -25.19 20.37
N THR A 122 -3.04 -24.66 20.76
CA THR A 122 -4.27 -24.79 19.93
C THR A 122 -4.01 -23.66 18.86
N ARG A 123 -4.04 -23.96 17.55
CA ARG A 123 -3.79 -22.95 16.49
C ARG A 123 -5.03 -22.69 15.62
N PRO A 124 -5.17 -21.44 15.12
CA PRO A 124 -6.30 -21.08 14.25
C PRO A 124 -6.29 -22.00 13.05
N HIS A 125 -7.49 -22.35 12.61
CA HIS A 125 -7.67 -23.23 11.46
C HIS A 125 -8.38 -22.48 10.36
N PHE A 126 -7.90 -22.62 9.13
CA PHE A 126 -8.52 -21.98 7.98
C PHE A 126 -9.03 -22.99 6.97
N ILE A 127 -10.11 -22.66 6.26
CA ILE A 127 -10.62 -23.49 5.19
C ILE A 127 -10.65 -22.67 3.89
N THR A 128 -9.98 -23.16 2.86
CA THR A 128 -9.99 -22.51 1.57
C THR A 128 -10.11 -23.57 0.45
N CYS A 129 -9.91 -23.18 -0.81
CA CYS A 129 -9.99 -24.14 -1.89
C CYS A 129 -8.62 -24.23 -2.60
N THR A 130 -8.45 -25.25 -3.43
CA THR A 130 -7.15 -25.50 -4.11
C THR A 130 -6.85 -24.56 -5.27
N VAL A 131 -7.80 -23.76 -5.71
CA VAL A 131 -7.51 -22.92 -6.88
C VAL A 131 -7.45 -21.42 -6.61
N GLU A 132 -7.26 -21.06 -5.34
CA GLU A 132 -7.22 -19.63 -4.97
C GLU A 132 -6.06 -18.86 -5.64
N HIS A 133 -6.18 -17.53 -5.60
CA HIS A 133 -5.13 -16.68 -6.12
C HIS A 133 -3.88 -16.79 -5.14
N ASP A 134 -2.70 -16.53 -5.67
CA ASP A 134 -1.50 -16.54 -4.86
C ASP A 134 -1.62 -15.76 -3.58
N SER A 135 -2.28 -14.60 -3.64
CA SER A 135 -2.39 -13.76 -2.45
C SER A 135 -3.33 -14.36 -1.35
N ILE A 136 -3.91 -15.53 -1.61
CA ILE A 136 -4.71 -16.25 -0.59
C ILE A 136 -3.95 -17.55 -0.25
N ARG A 137 -3.57 -18.31 -1.27
CA ARG A 137 -2.83 -19.55 -1.07
C ARG A 137 -1.48 -19.33 -0.37
N LEU A 138 -0.68 -18.39 -0.84
CA LEU A 138 0.66 -18.21 -0.27
C LEU A 138 0.69 -17.76 1.18
N PRO A 139 -0.15 -16.77 1.56
CA PRO A 139 -0.14 -16.35 2.98
C PRO A 139 -0.56 -17.57 3.82
N LEU A 140 -1.54 -18.31 3.35
CA LEU A 140 -1.94 -19.51 4.08
C LEU A 140 -0.82 -20.60 4.10
N GLU A 141 -0.15 -20.85 2.98
CA GLU A 141 0.95 -21.82 3.02
C GLU A 141 1.99 -21.35 4.04
N HIS A 142 2.25 -20.04 4.07
CA HIS A 142 3.21 -19.50 5.00
C HIS A 142 2.86 -19.83 6.44
N LEU A 143 1.63 -19.59 6.85
CA LEU A 143 1.19 -19.88 8.21
C LEU A 143 1.39 -21.36 8.55
N VAL A 144 1.15 -22.27 7.58
CA VAL A 144 1.36 -23.69 7.87
C VAL A 144 2.86 -24.01 8.07
N GLU A 145 3.72 -23.50 7.20
CA GLU A 145 5.14 -23.73 7.26
C GLU A 145 5.69 -23.25 8.59
N ASP A 146 5.15 -22.13 9.07
CA ASP A 146 5.60 -21.53 10.32
C ASP A 146 4.92 -22.18 11.51
N GLN A 147 3.98 -23.08 11.27
CA GLN A 147 3.30 -23.77 12.37
C GLN A 147 2.50 -22.80 13.19
N VAL A 148 2.05 -21.74 12.54
CA VAL A 148 1.27 -20.73 13.24
C VAL A 148 -0.22 -21.07 13.09
N ALA A 149 -0.56 -21.82 12.04
CA ALA A 149 -1.94 -22.20 11.74
C ALA A 149 -2.06 -23.44 10.91
N GLU A 150 -3.29 -23.98 10.92
CA GLU A 150 -3.66 -25.17 10.14
C GLU A 150 -4.61 -24.80 9.00
N VAL A 151 -4.49 -25.47 7.86
CA VAL A 151 -5.33 -25.11 6.75
C VAL A 151 -5.82 -26.28 5.93
N THR A 152 -7.11 -26.31 5.61
CA THR A 152 -7.62 -27.34 4.74
C THR A 152 -7.83 -26.72 3.35
N PHE A 153 -7.17 -27.24 2.34
CA PHE A 153 -7.36 -26.75 1.01
C PHE A 153 -8.36 -27.75 0.40
N VAL A 154 -9.61 -27.29 0.16
CA VAL A 154 -10.62 -28.17 -0.42
C VAL A 154 -10.53 -28.16 -1.95
N PRO A 155 -10.62 -29.35 -2.60
CA PRO A 155 -10.54 -29.52 -4.04
C PRO A 155 -11.75 -29.05 -4.77
N VAL A 156 -11.57 -28.57 -5.99
CA VAL A 156 -12.72 -28.14 -6.78
C VAL A 156 -13.16 -29.43 -7.46
N SER A 157 -14.40 -29.45 -7.95
CA SER A 157 -14.99 -30.65 -8.57
C SER A 157 -14.40 -30.95 -9.88
N LYS A 158 -13.58 -31.99 -9.90
CA LYS A 158 -12.91 -32.45 -11.11
C LYS A 158 -13.84 -32.40 -12.34
N VAL A 159 -15.12 -32.15 -12.10
CA VAL A 159 -16.15 -31.97 -13.16
C VAL A 159 -16.34 -30.43 -13.30
N ASN A 160 -17.29 -29.83 -12.51
CA ASN A 160 -17.62 -28.38 -12.56
C ASN A 160 -16.46 -27.51 -12.24
N GLY A 161 -15.59 -28.01 -11.39
CA GLY A 161 -14.49 -27.13 -11.00
C GLY A 161 -15.24 -26.07 -10.18
N GLN A 162 -16.02 -26.51 -9.17
CA GLN A 162 -16.75 -25.62 -8.28
C GLN A 162 -16.46 -26.29 -6.98
N VAL A 163 -16.19 -25.54 -5.89
CA VAL A 163 -15.98 -26.26 -4.64
C VAL A 163 -17.35 -26.78 -4.28
N GLU A 164 -17.36 -27.80 -3.44
CA GLU A 164 -18.64 -28.34 -3.00
C GLU A 164 -18.83 -27.93 -1.59
N VAL A 165 -20.01 -27.37 -1.31
CA VAL A 165 -20.30 -26.88 0.02
C VAL A 165 -20.15 -27.90 1.13
N GLU A 166 -20.54 -29.14 0.86
CA GLU A 166 -20.39 -30.17 1.85
C GLU A 166 -18.90 -30.36 2.22
N ASP A 167 -17.98 -30.25 1.29
CA ASP A 167 -16.56 -30.46 1.70
C ASP A 167 -16.09 -29.38 2.71
N ILE A 168 -16.59 -28.15 2.52
CA ILE A 168 -16.27 -27.03 3.38
C ILE A 168 -16.84 -27.24 4.81
N LEU A 169 -18.10 -27.63 4.90
CA LEU A 169 -18.71 -27.85 6.23
C LEU A 169 -18.03 -29.00 6.95
N ALA A 170 -17.69 -30.05 6.21
CA ALA A 170 -17.04 -31.19 6.82
C ALA A 170 -15.64 -30.90 7.30
N ALA A 171 -14.98 -29.86 6.79
CA ALA A 171 -13.59 -29.51 7.19
C ALA A 171 -13.51 -28.62 8.43
N VAL A 172 -14.67 -28.16 8.90
CA VAL A 172 -14.76 -27.29 10.05
C VAL A 172 -14.34 -27.99 11.34
N ARG A 173 -13.55 -27.30 12.18
CA ARG A 173 -13.08 -27.88 13.45
C ARG A 173 -13.39 -26.89 14.55
N PRO A 174 -13.16 -27.28 15.80
CA PRO A 174 -13.45 -26.29 16.85
C PRO A 174 -12.61 -25.04 16.70
N THR A 175 -11.39 -25.17 16.18
CA THR A 175 -10.48 -24.03 15.98
C THR A 175 -10.65 -23.32 14.63
N THR A 176 -11.54 -23.80 13.77
CA THR A 176 -11.79 -23.14 12.47
C THR A 176 -12.23 -21.69 12.73
N CYS A 177 -11.56 -20.73 12.09
CA CYS A 177 -11.80 -19.29 12.22
C CYS A 177 -12.36 -18.62 11.00
N LEU A 178 -11.95 -19.09 9.86
CA LEU A 178 -12.34 -18.46 8.65
C LEU A 178 -12.40 -19.42 7.48
N VAL A 179 -13.38 -19.18 6.62
CA VAL A 179 -13.54 -19.89 5.36
C VAL A 179 -13.31 -18.73 4.36
N THR A 180 -12.33 -18.89 3.46
CA THR A 180 -12.06 -17.89 2.42
C THR A 180 -12.17 -18.68 1.07
N ILE A 181 -13.12 -18.29 0.22
CA ILE A 181 -13.34 -18.98 -1.03
C ILE A 181 -13.55 -17.94 -2.12
N MET A 182 -12.79 -18.03 -3.19
CA MET A 182 -12.92 -17.08 -4.26
C MET A 182 -14.34 -17.09 -4.85
N LEU A 183 -14.82 -15.93 -5.28
CA LEU A 183 -16.17 -15.87 -5.78
C LEU A 183 -16.30 -16.63 -7.08
N ALA A 184 -15.29 -16.51 -7.96
CA ALA A 184 -15.25 -17.20 -9.25
C ALA A 184 -13.88 -17.89 -9.47
N ASN A 185 -13.89 -19.03 -10.15
CA ASN A 185 -12.69 -19.80 -10.51
C ASN A 185 -11.82 -18.90 -11.42
N ASN A 186 -10.58 -18.72 -11.03
CA ASN A 186 -9.73 -17.88 -11.81
C ASN A 186 -9.39 -18.46 -13.20
N GLU A 187 -9.25 -19.77 -13.37
CA GLU A 187 -8.90 -20.24 -14.72
C GLU A 187 -10.08 -20.31 -15.70
N THR A 188 -11.20 -20.81 -15.19
CA THR A 188 -12.42 -21.06 -15.93
C THR A 188 -13.60 -20.11 -15.87
N GLY A 189 -13.65 -19.21 -14.88
CA GLY A 189 -14.78 -18.33 -14.75
C GLY A 189 -15.97 -18.87 -13.97
N VAL A 190 -15.93 -20.15 -13.61
CA VAL A 190 -17.05 -20.73 -12.88
C VAL A 190 -17.29 -20.11 -11.49
N ILE A 191 -18.56 -19.75 -11.23
CA ILE A 191 -18.94 -19.15 -9.95
C ILE A 191 -18.97 -20.13 -8.78
N MET A 192 -18.31 -19.78 -7.68
CA MET A 192 -18.33 -20.68 -6.51
C MET A 192 -19.63 -20.40 -5.76
N PRO A 193 -20.09 -21.33 -4.93
CA PRO A 193 -21.35 -21.10 -4.21
C PRO A 193 -21.25 -20.37 -2.83
N ILE A 194 -20.82 -19.11 -2.89
CA ILE A 194 -20.62 -18.28 -1.69
C ILE A 194 -21.88 -18.12 -0.82
N SER A 195 -23.03 -17.88 -1.47
CA SER A 195 -24.28 -17.74 -0.70
C SER A 195 -24.58 -18.92 0.17
N GLU A 196 -24.55 -20.09 -0.44
CA GLU A 196 -24.85 -21.28 0.27
C GLU A 196 -23.83 -21.50 1.34
N ILE A 197 -22.57 -21.23 1.01
CA ILE A 197 -21.52 -21.42 2.02
C ILE A 197 -21.88 -20.48 3.21
N SER A 198 -22.19 -19.22 2.94
CA SER A 198 -22.50 -18.26 4.03
C SER A 198 -23.69 -18.72 4.90
N ARG A 199 -24.78 -19.12 4.24
CA ARG A 199 -25.96 -19.62 4.93
C ARG A 199 -25.66 -20.86 5.78
N ARG A 200 -24.97 -21.83 5.21
CA ARG A 200 -24.79 -23.03 5.99
C ARG A 200 -23.76 -22.81 7.06
N ILE A 201 -22.83 -21.89 6.87
CA ILE A 201 -21.90 -21.59 8.00
C ILE A 201 -22.69 -20.84 9.12
N LYS A 202 -23.62 -19.97 8.72
CA LYS A 202 -24.41 -19.20 9.67
C LYS A 202 -25.18 -20.16 10.57
N ALA A 203 -25.73 -21.22 9.99
CA ALA A 203 -26.48 -22.19 10.78
C ALA A 203 -25.53 -22.93 11.75
N LEU A 204 -24.39 -23.37 11.24
CA LEU A 204 -23.41 -24.07 12.06
C LEU A 204 -22.91 -23.19 13.22
N ASN A 205 -22.80 -21.88 12.98
CA ASN A 205 -22.33 -20.98 14.03
C ASN A 205 -23.30 -20.98 15.19
N GLN A 206 -24.60 -21.11 14.92
CA GLN A 206 -25.54 -21.19 16.06
C GLN A 206 -25.25 -22.41 16.99
N ILE A 207 -24.87 -23.55 16.43
CA ILE A 207 -24.60 -24.73 17.24
C ILE A 207 -23.25 -24.51 17.95
N ARG A 208 -22.28 -24.05 17.16
CA ARG A 208 -20.97 -23.78 17.71
C ARG A 208 -21.15 -22.84 18.89
N ALA A 209 -21.94 -21.79 18.71
CA ALA A 209 -22.08 -20.81 19.79
C ALA A 209 -22.67 -21.43 21.06
N ALA A 210 -23.49 -22.46 20.89
CA ALA A 210 -24.09 -23.11 22.05
C ALA A 210 -23.04 -23.79 22.87
N SER A 211 -21.99 -24.25 22.20
CA SER A 211 -20.92 -24.97 22.85
C SER A 211 -19.74 -24.09 23.20
N GLY A 212 -19.99 -22.79 23.25
CA GLY A 212 -18.93 -21.87 23.57
C GLY A 212 -17.87 -21.86 22.49
N LEU A 213 -18.24 -22.21 21.27
CA LEU A 213 -17.22 -22.13 20.23
C LEU A 213 -17.49 -20.80 19.48
N PRO A 214 -16.43 -20.18 19.01
CA PRO A 214 -16.62 -18.92 18.30
C PRO A 214 -16.98 -19.19 16.83
N ARG A 215 -17.63 -18.16 16.32
CA ARG A 215 -18.14 -18.01 14.98
C ARG A 215 -17.08 -18.18 13.88
N VAL A 216 -17.36 -18.97 12.84
CA VAL A 216 -16.47 -19.16 11.70
C VAL A 216 -16.89 -17.97 10.82
N LEU A 217 -15.93 -17.16 10.39
CA LEU A 217 -16.28 -16.02 9.51
C LEU A 217 -16.08 -16.46 8.08
N VAL A 218 -16.65 -15.73 7.13
CA VAL A 218 -16.54 -16.09 5.71
C VAL A 218 -16.06 -14.91 4.86
N HIS A 219 -15.00 -15.14 4.11
CA HIS A 219 -14.45 -14.10 3.22
C HIS A 219 -14.46 -14.59 1.78
N THR A 220 -14.63 -13.67 0.84
CA THR A 220 -14.57 -14.06 -0.55
C THR A 220 -13.73 -13.04 -1.32
N ASP A 221 -12.79 -13.59 -2.10
CA ASP A 221 -11.97 -12.77 -2.96
C ASP A 221 -12.86 -12.56 -4.19
N ALA A 222 -13.45 -11.38 -4.28
CA ALA A 222 -14.35 -11.09 -5.35
C ALA A 222 -13.68 -10.41 -6.54
N ALA A 223 -12.36 -10.42 -6.55
CA ALA A 223 -11.62 -9.70 -7.55
C ALA A 223 -12.10 -9.82 -9.00
N GLN A 224 -12.53 -11.02 -9.39
CA GLN A 224 -12.94 -11.26 -10.76
C GLN A 224 -14.38 -10.98 -11.07
N ALA A 225 -15.21 -10.83 -10.06
CA ALA A 225 -16.62 -10.63 -10.24
C ALA A 225 -17.10 -9.22 -10.57
N LEU A 226 -16.50 -8.26 -9.87
CA LEU A 226 -16.89 -6.86 -10.00
C LEU A 226 -16.83 -6.33 -11.40
N GLY A 227 -17.90 -5.67 -11.82
CA GLY A 227 -17.95 -5.12 -13.16
C GLY A 227 -18.35 -6.17 -14.19
N LYS A 228 -18.55 -7.40 -13.75
CA LYS A 228 -18.89 -8.51 -14.64
C LYS A 228 -20.13 -9.27 -14.24
N ARG A 229 -20.46 -9.21 -12.96
CA ARG A 229 -21.57 -9.90 -12.44
C ARG A 229 -21.98 -9.16 -11.14
N ARG A 230 -23.27 -8.98 -10.94
CA ARG A 230 -23.74 -8.33 -9.73
C ARG A 230 -23.12 -8.93 -8.45
N VAL A 231 -22.55 -8.08 -7.60
CA VAL A 231 -21.97 -8.48 -6.34
C VAL A 231 -22.73 -7.72 -5.23
N ASP A 232 -23.48 -8.45 -4.39
CA ASP A 232 -24.25 -7.82 -3.32
C ASP A 232 -23.87 -8.51 -2.04
N VAL A 233 -23.32 -7.78 -1.07
CA VAL A 233 -22.91 -8.46 0.15
C VAL A 233 -24.04 -9.08 0.98
N GLU A 234 -25.27 -8.61 0.82
CA GLU A 234 -26.39 -9.17 1.58
C GLU A 234 -26.70 -10.50 1.00
N ASP A 235 -26.66 -10.54 -0.33
CA ASP A 235 -26.90 -11.79 -1.04
C ASP A 235 -25.78 -12.84 -0.78
N LEU A 236 -24.55 -12.37 -0.73
CA LEU A 236 -23.43 -13.28 -0.53
C LEU A 236 -23.36 -13.77 0.92
N GLY A 237 -23.83 -12.92 1.82
CA GLY A 237 -23.84 -13.25 3.23
C GLY A 237 -22.46 -13.31 3.88
N VAL A 238 -21.43 -12.86 3.17
CA VAL A 238 -20.06 -12.91 3.70
C VAL A 238 -19.71 -11.79 4.70
N ASP A 239 -18.65 -12.01 5.46
CA ASP A 239 -18.15 -11.06 6.45
C ASP A 239 -17.07 -10.13 5.92
N PHE A 240 -16.33 -10.60 4.92
CA PHE A 240 -15.24 -9.86 4.32
C PHE A 240 -15.34 -10.13 2.84
N LEU A 241 -15.00 -9.12 2.02
CA LEU A 241 -14.94 -9.24 0.57
C LEU A 241 -13.80 -8.37 0.00
N THR A 242 -12.98 -8.97 -0.84
CA THR A 242 -11.87 -8.28 -1.45
C THR A 242 -12.23 -7.58 -2.78
N ILE A 243 -11.85 -6.31 -2.89
CA ILE A 243 -12.13 -5.49 -4.08
C ILE A 243 -10.79 -5.10 -4.74
N VAL A 244 -10.69 -5.35 -6.03
CA VAL A 244 -9.46 -5.11 -6.76
C VAL A 244 -9.64 -4.18 -7.97
N GLY A 245 -9.17 -2.94 -7.82
CA GLY A 245 -9.30 -1.94 -8.86
C GLY A 245 -8.96 -2.28 -10.32
N HIS A 246 -7.81 -2.89 -10.52
CA HIS A 246 -7.41 -3.13 -11.89
C HIS A 246 -8.15 -4.24 -12.62
N LYS A 247 -9.10 -4.86 -11.95
CA LYS A 247 -9.85 -5.93 -12.60
C LYS A 247 -11.11 -5.28 -13.19
N PHE A 248 -11.43 -4.06 -12.72
CA PHE A 248 -12.58 -3.38 -13.30
C PHE A 248 -12.32 -1.98 -13.85
N TYR A 249 -11.27 -1.92 -14.66
CA TYR A 249 -10.90 -0.69 -15.36
C TYR A 249 -10.56 0.47 -14.46
N GLY A 250 -10.17 0.15 -13.24
CA GLY A 250 -9.79 1.14 -12.25
C GLY A 250 -8.27 1.18 -11.98
N PRO A 251 -7.79 2.09 -11.11
CA PRO A 251 -6.34 2.11 -10.87
C PRO A 251 -5.92 0.95 -10.01
N ARG A 252 -4.62 0.79 -9.89
CA ARG A 252 -4.06 -0.32 -9.15
C ARG A 252 -4.11 -0.31 -7.63
N ILE A 253 -5.22 0.13 -7.04
CA ILE A 253 -5.32 0.03 -5.59
C ILE A 253 -6.53 -0.87 -5.34
N GLY A 254 -6.87 -1.03 -4.09
CA GLY A 254 -8.03 -1.88 -3.82
C GLY A 254 -8.70 -1.51 -2.52
N ALA A 255 -9.53 -2.40 -2.01
CA ALA A 255 -10.22 -2.11 -0.76
C ALA A 255 -10.66 -3.43 -0.19
N LEU A 256 -11.16 -3.38 1.03
CA LEU A 256 -11.66 -4.56 1.71
C LEU A 256 -12.97 -4.19 2.41
N TYR A 257 -13.99 -4.98 2.18
CA TYR A 257 -15.27 -4.79 2.81
C TYR A 257 -15.21 -5.66 4.08
N VAL A 258 -15.67 -5.10 5.19
CA VAL A 258 -15.71 -5.80 6.46
C VAL A 258 -17.09 -5.40 7.07
N ARG A 259 -18.00 -6.36 7.15
CA ARG A 259 -19.36 -6.16 7.64
C ARG A 259 -19.37 -5.52 9.03
N GLY A 260 -19.89 -4.30 9.14
CA GLY A 260 -19.90 -3.56 10.41
C GLY A 260 -18.55 -3.67 11.13
N VAL A 261 -17.47 -3.30 10.42
CA VAL A 261 -16.11 -3.42 10.99
C VAL A 261 -15.99 -2.76 12.37
N GLY A 262 -15.47 -3.50 13.35
CA GLY A 262 -15.32 -2.99 14.70
C GLY A 262 -16.57 -3.16 15.56
N LYS A 263 -17.63 -3.70 14.99
CA LYS A 263 -18.87 -3.93 15.77
C LYS A 263 -19.33 -5.38 15.50
N LEU A 264 -19.78 -5.66 14.28
CA LEU A 264 -20.25 -6.97 13.87
C LEU A 264 -19.10 -7.94 13.57
N THR A 265 -18.01 -7.37 13.05
CA THR A 265 -16.85 -8.12 12.64
C THR A 265 -15.53 -7.48 13.12
N PRO A 266 -14.66 -8.28 13.75
CA PRO A 266 -13.41 -7.71 14.22
C PRO A 266 -12.41 -7.58 13.02
N LEU A 267 -11.47 -6.64 13.13
CA LEU A 267 -10.45 -6.45 12.10
C LEU A 267 -9.24 -5.93 12.84
N TYR A 268 -8.17 -6.74 12.89
CA TYR A 268 -6.94 -6.35 13.53
C TYR A 268 -6.05 -5.90 12.37
N PRO A 269 -5.44 -4.72 12.46
CA PRO A 269 -4.58 -4.18 11.40
C PRO A 269 -3.23 -4.85 11.23
N MET A 270 -2.66 -4.77 10.03
CA MET A 270 -1.29 -5.28 9.82
C MET A 270 -0.32 -4.12 10.00
N LEU A 271 -0.77 -2.88 9.75
CA LEU A 271 0.10 -1.71 9.85
C LEU A 271 -0.21 -0.80 11.03
N PHE A 272 0.81 -0.10 11.50
CA PHE A 272 0.64 0.80 12.65
C PHE A 272 1.17 2.17 12.27
N GLY A 273 0.38 3.18 12.61
CA GLY A 273 0.79 4.54 12.31
C GLY A 273 -0.23 5.62 12.63
N GLY A 274 -0.28 6.60 11.73
CA GLY A 274 -1.09 7.80 11.89
C GLY A 274 -2.59 7.86 11.97
N GLY A 275 -3.27 6.77 12.27
CA GLY A 275 -4.71 6.91 12.36
C GLY A 275 -5.66 6.83 11.16
N GLN A 276 -5.18 6.95 9.92
CA GLN A 276 -6.05 6.86 8.72
C GLN A 276 -6.86 5.53 8.62
N GLU A 277 -7.96 5.52 7.86
CA GLU A 277 -8.82 4.34 7.74
C GLU A 277 -9.17 3.81 9.14
N ARG A 278 -9.40 4.75 10.04
CA ARG A 278 -9.76 4.46 11.42
C ARG A 278 -8.81 3.53 12.12
N ASN A 279 -7.52 3.73 11.87
CA ASN A 279 -6.39 2.92 12.40
C ASN A 279 -6.38 1.46 11.92
N PHE A 280 -7.33 1.12 11.05
CA PHE A 280 -7.38 -0.24 10.45
C PHE A 280 -6.35 -0.31 9.33
N ARG A 281 -6.00 0.85 8.75
CA ARG A 281 -5.00 0.85 7.69
C ARG A 281 -4.37 2.24 7.62
N PRO A 282 -3.43 2.50 8.53
CA PRO A 282 -2.71 3.79 8.61
C PRO A 282 -1.92 4.10 7.34
N GLY A 283 -1.49 5.37 7.26
CA GLY A 283 -0.72 5.91 6.16
C GLY A 283 -1.57 6.98 5.45
N THR A 284 -0.93 8.05 4.98
CA THR A 284 -1.65 9.11 4.26
C THR A 284 -2.41 8.54 3.06
N GLU A 285 -3.69 8.85 3.00
CA GLU A 285 -4.54 8.38 1.91
C GLU A 285 -4.01 8.78 0.53
N ASN A 286 -4.15 7.89 -0.45
CA ASN A 286 -3.65 8.19 -1.79
C ASN A 286 -4.87 8.67 -2.57
N THR A 287 -5.19 9.93 -2.31
CA THR A 287 -6.37 10.57 -2.89
C THR A 287 -6.63 10.31 -4.39
N PRO A 288 -5.63 10.52 -5.28
CA PRO A 288 -5.89 10.29 -6.71
C PRO A 288 -6.30 8.86 -7.06
N MET A 289 -5.60 7.90 -6.45
CA MET A 289 -5.90 6.50 -6.65
C MET A 289 -7.32 6.28 -6.13
N ILE A 290 -7.65 6.79 -4.94
CA ILE A 290 -9.01 6.62 -4.41
C ILE A 290 -10.08 7.26 -5.33
N ALA A 291 -9.75 8.42 -5.92
CA ALA A 291 -10.69 9.08 -6.83
C ALA A 291 -10.95 8.17 -8.04
N GLY A 292 -9.89 7.54 -8.57
CA GLY A 292 -10.03 6.64 -9.70
C GLY A 292 -10.84 5.38 -9.38
N LEU A 293 -10.58 4.78 -8.24
CA LEU A 293 -11.28 3.58 -7.83
C LEU A 293 -12.75 3.93 -7.64
N GLY A 294 -12.98 5.17 -7.14
CA GLY A 294 -14.36 5.61 -6.90
C GLY A 294 -15.15 5.74 -8.20
N LYS A 295 -14.52 6.38 -9.16
CA LYS A 295 -15.13 6.57 -10.47
C LYS A 295 -15.34 5.15 -11.09
N ALA A 296 -14.30 4.31 -11.04
CA ALA A 296 -14.42 2.95 -11.61
C ALA A 296 -15.64 2.23 -11.03
N ALA A 297 -15.84 2.41 -9.73
CA ALA A 297 -16.94 1.79 -9.03
C ALA A 297 -18.29 2.38 -9.51
N ASP A 298 -18.32 3.70 -9.70
CA ASP A 298 -19.54 4.35 -10.15
C ASP A 298 -19.97 3.69 -11.45
N LEU A 299 -19.05 3.67 -12.40
CA LEU A 299 -19.30 3.08 -13.70
C LEU A 299 -19.86 1.65 -13.63
N VAL A 300 -19.45 0.87 -12.62
CA VAL A 300 -19.94 -0.50 -12.46
C VAL A 300 -21.39 -0.40 -11.98
N SER A 301 -21.61 0.42 -10.97
CA SER A 301 -22.94 0.64 -10.43
C SER A 301 -23.87 1.07 -11.54
N GLU A 302 -23.41 1.90 -12.46
CA GLU A 302 -24.33 2.39 -13.47
C GLU A 302 -24.58 1.46 -14.66
N ASN A 303 -23.54 0.69 -14.98
CA ASN A 303 -23.57 -0.13 -16.18
C ASN A 303 -23.29 -1.60 -16.08
N CYS A 304 -23.22 -2.16 -14.88
CA CYS A 304 -22.87 -3.58 -14.77
C CYS A 304 -23.66 -4.47 -15.73
N GLU A 305 -24.97 -4.27 -15.77
CA GLU A 305 -25.79 -5.08 -16.65
C GLU A 305 -25.40 -4.96 -18.16
N THR A 306 -25.05 -3.74 -18.59
CA THR A 306 -24.68 -3.51 -20.00
C THR A 306 -23.33 -4.17 -20.29
N TYR A 307 -22.46 -4.19 -19.29
CA TYR A 307 -21.14 -4.78 -19.48
C TYR A 307 -21.23 -6.26 -19.62
N GLU A 308 -22.00 -6.82 -18.71
CA GLU A 308 -22.22 -8.26 -18.61
C GLU A 308 -22.87 -8.76 -19.90
N ALA A 309 -23.83 -8.00 -20.44
CA ALA A 309 -24.52 -8.42 -21.67
C ALA A 309 -23.55 -8.47 -22.84
N HIS A 310 -22.74 -7.44 -22.97
CA HIS A 310 -21.83 -7.37 -24.09
C HIS A 310 -20.84 -8.52 -23.98
N MET A 311 -20.34 -8.75 -22.75
CA MET A 311 -19.36 -9.77 -22.50
C MET A 311 -19.88 -11.08 -22.89
N ARG A 312 -21.12 -11.35 -22.50
CA ARG A 312 -21.79 -12.61 -22.77
C ARG A 312 -22.00 -12.87 -24.27
N ASP A 313 -22.28 -11.80 -25.04
CA ASP A 313 -22.52 -11.90 -26.48
C ASP A 313 -21.21 -12.22 -27.12
N ILE A 314 -20.16 -11.49 -26.77
CA ILE A 314 -18.89 -11.79 -27.37
C ILE A 314 -18.37 -13.18 -27.00
N ARG A 315 -18.40 -13.56 -25.72
CA ARG A 315 -17.87 -14.88 -25.29
C ARG A 315 -18.65 -16.04 -25.96
N ASP A 316 -19.95 -15.83 -26.12
CA ASP A 316 -20.75 -16.90 -26.69
C ASP A 316 -20.47 -17.02 -28.17
N TYR A 317 -20.42 -15.87 -28.87
CA TYR A 317 -20.09 -15.88 -30.29
C TYR A 317 -18.71 -16.56 -30.46
N LEU A 318 -17.76 -16.17 -29.59
CA LEU A 318 -16.39 -16.74 -29.61
C LEU A 318 -16.46 -18.29 -29.48
N GLU A 319 -17.23 -18.79 -28.51
CA GLU A 319 -17.30 -20.23 -28.33
C GLU A 319 -17.98 -20.91 -29.52
N GLU A 320 -18.87 -20.20 -30.20
CA GLU A 320 -19.50 -20.73 -31.41
C GLU A 320 -18.41 -20.84 -32.49
N ARG A 321 -17.60 -19.82 -32.61
CA ARG A 321 -16.59 -19.87 -33.65
C ARG A 321 -15.51 -20.89 -33.39
N LEU A 322 -15.19 -21.12 -32.12
CA LEU A 322 -14.16 -22.11 -31.81
C LEU A 322 -14.62 -23.57 -32.10
N GLU A 323 -15.88 -23.88 -31.82
CA GLU A 323 -16.37 -25.23 -32.10
C GLU A 323 -16.51 -25.39 -33.64
N ALA A 324 -16.97 -24.35 -34.34
CA ALA A 324 -17.13 -24.40 -35.81
C ALA A 324 -15.77 -24.71 -36.46
N GLU A 325 -14.76 -24.04 -35.96
CA GLU A 325 -13.42 -24.20 -36.49
C GLU A 325 -12.74 -25.46 -36.03
N PHE A 326 -12.74 -25.69 -34.73
CA PHE A 326 -12.00 -26.82 -34.25
C PHE A 326 -12.74 -28.12 -34.03
N GLY A 327 -14.07 -28.02 -34.00
CA GLY A 327 -14.88 -29.23 -33.81
C GLY A 327 -14.58 -30.15 -32.67
N LYS A 328 -14.40 -31.44 -33.00
CA LYS A 328 -14.14 -32.48 -32.01
C LYS A 328 -12.79 -32.33 -31.30
N ARG A 329 -11.87 -31.62 -31.92
CA ARG A 329 -10.54 -31.44 -31.34
C ARG A 329 -10.47 -30.54 -30.10
N ILE A 330 -11.39 -29.59 -30.00
CA ILE A 330 -11.42 -28.62 -28.91
C ILE A 330 -12.37 -28.97 -27.79
N HIS A 331 -11.95 -28.68 -26.56
CA HIS A 331 -12.78 -28.91 -25.36
C HIS A 331 -12.99 -27.53 -24.60
N LEU A 332 -14.24 -27.10 -24.40
CA LEU A 332 -14.54 -25.83 -23.69
C LEU A 332 -14.51 -26.14 -22.20
N ASN A 333 -13.47 -25.72 -21.47
CA ASN A 333 -13.37 -26.05 -20.06
C ASN A 333 -14.22 -25.16 -19.08
N SER A 334 -14.92 -24.13 -19.57
CA SER A 334 -15.70 -23.29 -18.62
C SER A 334 -17.18 -23.59 -18.67
N ARG A 335 -17.60 -24.27 -19.73
CA ARG A 335 -19.00 -24.49 -20.01
C ARG A 335 -19.53 -25.81 -19.56
N PHE A 336 -20.53 -25.77 -18.67
CA PHE A 336 -21.24 -26.96 -18.14
C PHE A 336 -22.71 -26.62 -18.10
N PRO A 337 -23.58 -27.59 -18.44
CA PRO A 337 -25.02 -27.27 -18.40
C PRO A 337 -25.36 -27.05 -16.92
N GLY A 338 -26.13 -25.99 -16.62
CA GLY A 338 -26.46 -25.71 -15.24
C GLY A 338 -25.39 -24.92 -14.46
N VAL A 339 -24.14 -24.85 -14.95
CA VAL A 339 -23.08 -24.17 -14.15
C VAL A 339 -22.82 -22.72 -14.51
N GLU A 340 -23.23 -21.81 -13.62
CA GLU A 340 -23.01 -20.39 -13.79
C GLU A 340 -21.51 -20.04 -13.86
N ARG A 341 -21.19 -19.09 -14.73
CA ARG A 341 -19.84 -18.63 -14.91
C ARG A 341 -19.78 -17.17 -15.25
N LEU A 342 -18.57 -16.60 -15.19
CA LEU A 342 -18.39 -15.20 -15.56
C LEU A 342 -18.87 -15.05 -16.99
N PRO A 343 -19.35 -13.86 -17.37
CA PRO A 343 -19.83 -13.69 -18.74
C PRO A 343 -18.78 -13.59 -19.83
N ASN A 344 -17.54 -13.30 -19.44
CA ASN A 344 -16.47 -13.02 -20.39
C ASN A 344 -15.39 -14.08 -20.51
N THR A 345 -15.53 -15.16 -19.78
CA THR A 345 -14.48 -16.15 -19.77
C THR A 345 -14.73 -17.43 -20.55
N CYS A 346 -13.72 -17.77 -21.35
CA CYS A 346 -13.72 -19.01 -22.15
C CYS A 346 -12.37 -19.68 -21.99
N ASN A 347 -12.30 -20.76 -21.22
CA ASN A 347 -11.05 -21.48 -21.02
C ASN A 347 -11.23 -22.69 -21.95
N PHE A 348 -10.29 -22.90 -22.87
CA PHE A 348 -10.43 -24.06 -23.76
C PHE A 348 -9.11 -24.78 -23.92
N SER A 349 -9.17 -26.03 -24.39
CA SER A 349 -7.98 -26.82 -24.67
C SER A 349 -8.15 -27.53 -26.01
N ILE A 350 -7.10 -27.59 -26.80
CA ILE A 350 -7.19 -28.30 -28.06
C ILE A 350 -6.30 -29.54 -27.92
N GLN A 351 -6.87 -30.67 -28.27
CA GLN A 351 -6.19 -31.92 -28.20
C GLN A 351 -4.93 -32.03 -29.09
N GLY A 352 -3.85 -32.53 -28.52
CA GLY A 352 -2.64 -32.69 -29.31
C GLY A 352 -1.41 -32.47 -28.47
N SER A 353 -0.39 -33.29 -28.65
CA SER A 353 0.82 -33.13 -27.85
C SER A 353 1.54 -31.79 -28.21
N GLN A 354 1.29 -31.22 -29.38
CA GLN A 354 2.02 -30.00 -29.67
C GLN A 354 1.20 -28.76 -29.31
N LEU A 355 0.04 -28.93 -28.68
CA LEU A 355 -0.74 -27.75 -28.41
C LEU A 355 -0.80 -27.38 -26.94
N ARG A 356 0.34 -27.48 -26.27
CA ARG A 356 0.45 -27.07 -24.87
C ARG A 356 0.03 -25.57 -24.93
N GLY A 357 -0.67 -25.08 -23.90
CA GLY A 357 -1.11 -23.69 -23.87
C GLY A 357 -0.11 -22.60 -24.24
N TYR A 358 1.07 -22.61 -23.59
CA TYR A 358 2.06 -21.58 -23.87
C TYR A 358 2.58 -21.70 -25.33
N MET A 359 2.54 -22.88 -25.89
CA MET A 359 3.01 -23.04 -27.24
C MET A 359 2.02 -22.41 -28.20
N VAL A 360 0.73 -22.63 -27.99
CA VAL A 360 -0.31 -22.07 -28.84
C VAL A 360 -0.20 -20.54 -28.83
N LEU A 361 -0.17 -19.97 -27.64
CA LEU A 361 -0.05 -18.53 -27.51
C LEU A 361 1.25 -17.97 -28.13
N ALA A 362 2.36 -18.71 -28.01
CA ALA A 362 3.64 -18.26 -28.59
C ALA A 362 3.52 -18.11 -30.09
N GLN A 363 2.71 -18.98 -30.71
CA GLN A 363 2.57 -18.98 -32.17
C GLN A 363 1.52 -18.00 -32.71
N CYS A 364 0.72 -17.42 -31.84
CA CYS A 364 -0.31 -16.47 -32.26
C CYS A 364 0.35 -15.13 -32.53
N GLN A 365 -0.07 -14.44 -33.59
CA GLN A 365 0.47 -13.14 -33.95
C GLN A 365 -0.38 -11.97 -33.52
N THR A 366 -1.66 -12.21 -33.30
CA THR A 366 -2.64 -11.16 -32.92
C THR A 366 -3.21 -11.25 -31.52
N LEU A 367 -3.66 -12.45 -31.16
CA LEU A 367 -4.22 -12.71 -29.86
C LEU A 367 -3.27 -12.53 -28.66
N LEU A 368 -3.78 -11.85 -27.62
CA LEU A 368 -3.13 -11.65 -26.34
C LEU A 368 -4.08 -12.33 -25.32
N ALA A 369 -3.56 -13.35 -24.66
CA ALA A 369 -4.37 -14.04 -23.68
C ALA A 369 -3.41 -14.68 -22.70
N SER A 370 -3.84 -15.69 -21.94
CA SER A 370 -2.87 -16.30 -21.03
C SER A 370 -3.11 -17.81 -20.89
N VAL A 371 -2.16 -18.53 -20.35
CA VAL A 371 -2.32 -19.96 -20.15
C VAL A 371 -3.42 -20.15 -19.13
N GLY A 372 -4.29 -21.16 -19.33
CA GLY A 372 -5.45 -21.41 -18.46
C GLY A 372 -5.39 -22.52 -17.40
N ALA A 373 -4.18 -22.90 -16.95
CA ALA A 373 -4.05 -24.01 -16.01
C ALA A 373 -3.34 -23.65 -14.74
N PRO A 393 -8.48 -31.16 -14.90
CA PRO A 393 -8.20 -32.53 -15.34
C PRO A 393 -6.86 -32.38 -15.95
N VAL A 394 -6.00 -33.37 -15.69
CA VAL A 394 -4.57 -33.45 -16.10
C VAL A 394 -4.12 -33.25 -17.52
N ASP A 395 -4.55 -34.14 -18.41
CA ASP A 395 -4.10 -34.04 -19.82
C ASP A 395 -4.66 -32.76 -20.46
N VAL A 396 -5.86 -32.36 -20.06
CA VAL A 396 -6.46 -31.15 -20.60
C VAL A 396 -5.84 -29.86 -20.04
N ALA A 397 -5.37 -29.87 -18.80
CA ALA A 397 -4.76 -28.67 -18.20
C ALA A 397 -3.52 -28.18 -18.94
N ARG A 398 -2.68 -29.12 -19.40
CA ARG A 398 -1.46 -28.75 -20.14
C ARG A 398 -1.71 -27.93 -21.41
N ASN A 399 -2.85 -28.13 -22.05
CA ASN A 399 -3.14 -27.40 -23.27
C ASN A 399 -4.16 -26.27 -23.05
N ALA A 400 -4.48 -25.97 -21.79
CA ALA A 400 -5.51 -24.96 -21.50
C ALA A 400 -5.08 -23.53 -21.80
N VAL A 401 -5.98 -22.75 -22.36
CA VAL A 401 -5.71 -21.35 -22.67
C VAL A 401 -6.91 -20.61 -22.09
N ARG A 402 -6.68 -19.48 -21.42
CA ARG A 402 -7.80 -18.71 -20.87
C ARG A 402 -8.06 -17.48 -21.71
N LEU A 403 -9.19 -17.41 -22.39
CA LEU A 403 -9.52 -16.18 -23.10
C LEU A 403 -10.50 -15.43 -22.20
N SER A 404 -10.30 -14.12 -22.03
CA SER A 404 -11.24 -13.32 -21.23
C SER A 404 -11.48 -12.01 -21.98
N VAL A 405 -12.72 -11.80 -22.40
CA VAL A 405 -13.09 -10.63 -23.20
C VAL A 405 -13.47 -9.39 -22.37
N GLY A 406 -13.57 -8.26 -23.04
CA GLY A 406 -13.87 -7.06 -22.29
C GLY A 406 -15.01 -6.19 -22.78
N ARG A 407 -15.15 -5.05 -22.15
CA ARG A 407 -16.20 -4.11 -22.52
C ARG A 407 -16.17 -3.67 -24.02
N SER A 408 -14.99 -3.52 -24.61
CA SER A 408 -14.88 -3.09 -26.01
C SER A 408 -14.72 -4.21 -27.07
N THR A 409 -14.48 -5.45 -26.65
CA THR A 409 -14.25 -6.54 -27.55
C THR A 409 -15.38 -6.72 -28.56
N THR A 410 -14.98 -6.91 -29.82
CA THR A 410 -15.96 -7.07 -30.89
C THR A 410 -15.88 -8.44 -31.54
N ARG A 411 -16.93 -8.78 -32.31
CA ARG A 411 -17.00 -10.05 -33.04
C ARG A 411 -15.94 -10.05 -34.13
N ALA A 412 -15.67 -8.87 -34.68
CA ALA A 412 -14.63 -8.76 -35.69
C ALA A 412 -13.27 -9.18 -35.04
N GLU A 413 -13.09 -8.80 -33.77
CA GLU A 413 -11.86 -9.16 -33.04
C GLU A 413 -11.91 -10.66 -32.81
N VAL A 414 -13.04 -11.17 -32.42
CA VAL A 414 -13.15 -12.61 -32.23
C VAL A 414 -12.72 -13.38 -33.48
N ASP A 415 -13.21 -12.93 -34.63
CA ASP A 415 -12.88 -13.57 -35.90
C ASP A 415 -11.37 -13.54 -36.14
N LEU A 416 -10.69 -12.46 -35.74
CA LEU A 416 -9.27 -12.39 -35.96
C LEU A 416 -8.54 -13.44 -35.11
N ILE A 417 -8.96 -13.63 -33.86
CA ILE A 417 -8.20 -14.59 -33.08
C ILE A 417 -8.51 -16.05 -33.35
N VAL A 418 -9.70 -16.33 -33.85
CA VAL A 418 -10.02 -17.72 -34.21
C VAL A 418 -9.14 -18.06 -35.42
N GLN A 419 -9.04 -17.12 -36.38
CA GLN A 419 -8.16 -17.30 -37.54
C GLN A 419 -6.69 -17.46 -37.04
N ASP A 420 -6.27 -16.60 -36.10
CA ASP A 420 -4.91 -16.68 -35.53
C ASP A 420 -4.70 -18.08 -34.91
N LEU A 421 -5.66 -18.48 -34.07
CA LEU A 421 -5.58 -19.74 -33.40
C LEU A 421 -5.54 -20.84 -34.45
N LYS A 422 -6.28 -20.69 -35.55
CA LYS A 422 -6.27 -21.71 -36.62
C LYS A 422 -4.82 -21.88 -37.18
N GLN A 423 -4.12 -20.78 -37.49
CA GLN A 423 -2.76 -20.94 -38.03
C GLN A 423 -1.80 -21.52 -36.97
N ALA A 424 -1.96 -21.06 -35.73
CA ALA A 424 -1.08 -21.55 -34.67
C ALA A 424 -1.25 -23.06 -34.55
N VAL A 425 -2.49 -23.50 -34.52
CA VAL A 425 -2.69 -24.92 -34.41
C VAL A 425 -2.10 -25.64 -35.65
N ASN A 426 -2.29 -25.09 -36.84
CA ASN A 426 -1.70 -25.78 -38.00
C ASN A 426 -0.18 -25.89 -37.90
N GLN A 427 0.45 -24.83 -37.42
CA GLN A 427 1.90 -24.82 -37.34
C GLN A 427 2.41 -25.93 -36.41
N LEU A 428 1.77 -26.01 -35.25
CA LEU A 428 2.18 -26.93 -34.22
C LEU A 428 1.77 -28.39 -34.40
N GLU A 429 0.48 -28.66 -34.32
CA GLU A 429 -0.02 -30.04 -34.43
C GLU A 429 -0.13 -30.48 -35.88
N GLY A 430 -0.36 -29.52 -36.77
CA GLY A 430 -0.54 -29.90 -38.14
C GLY A 430 -1.96 -30.35 -38.39
N PRO A 431 -2.34 -30.49 -39.66
CA PRO A 431 -3.70 -30.92 -39.98
C PRO A 431 -4.03 -32.31 -39.41
N VAL A 432 -5.28 -32.54 -39.01
CA VAL A 432 -5.66 -33.91 -38.60
C VAL A 432 -6.87 -34.42 -39.45
N ARG B 18 -6.07 34.71 -1.92
CA ARG B 18 -4.86 33.84 -1.91
C ARG B 18 -4.33 33.36 -0.56
N LYS B 19 -4.36 32.05 -0.36
CA LYS B 19 -3.77 31.52 0.86
C LYS B 19 -2.29 31.39 0.57
N VAL B 20 -1.46 31.44 1.61
CA VAL B 20 -0.04 31.21 1.46
C VAL B 20 0.18 29.82 2.18
N TYR B 21 0.84 28.89 1.47
CA TYR B 21 1.04 27.53 2.06
C TYR B 21 2.42 27.40 2.63
N MET B 22 2.49 27.08 3.91
CA MET B 22 3.74 26.86 4.63
C MET B 22 3.68 25.58 5.46
N ASP B 23 3.12 24.52 4.87
CA ASP B 23 3.02 23.25 5.55
C ASP B 23 3.59 22.12 4.61
N TYR B 24 4.73 22.40 3.96
CA TYR B 24 5.34 21.45 3.03
C TYR B 24 5.82 20.16 3.74
N ASN B 25 6.12 20.23 5.03
CA ASN B 25 6.54 19.03 5.73
C ASN B 25 5.32 18.12 5.98
N ALA B 26 4.10 18.62 5.80
CA ALA B 26 2.93 17.77 5.99
C ALA B 26 2.67 17.03 4.67
N THR B 27 2.72 17.78 3.57
CA THR B 27 2.59 17.21 2.24
C THR B 27 2.94 18.31 1.23
N THR B 28 3.21 17.90 0.01
CA THR B 28 3.60 18.83 -1.00
C THR B 28 2.72 18.63 -2.20
N PRO B 29 2.70 19.63 -3.09
CA PRO B 29 1.85 19.43 -4.27
C PRO B 29 2.74 18.61 -5.23
N LEU B 30 2.19 18.10 -6.32
CA LEU B 30 2.96 17.31 -7.25
C LEU B 30 3.64 18.17 -8.33
N GLU B 31 4.91 17.98 -8.65
CA GLU B 31 5.45 18.78 -9.75
C GLU B 31 4.65 18.48 -11.04
N PRO B 32 4.51 19.49 -11.89
CA PRO B 32 3.78 19.29 -13.14
C PRO B 32 4.33 18.12 -13.95
N GLU B 33 5.64 17.94 -14.00
CA GLU B 33 6.29 16.85 -14.75
C GLU B 33 5.87 15.48 -14.16
N VAL B 34 5.70 15.46 -12.85
CA VAL B 34 5.28 14.27 -12.11
C VAL B 34 3.85 13.98 -12.48
N ILE B 35 2.99 14.99 -12.49
CA ILE B 35 1.61 14.74 -12.83
C ILE B 35 1.50 14.15 -14.25
N GLN B 36 2.35 14.65 -15.15
CA GLN B 36 2.39 14.21 -16.53
C GLN B 36 2.91 12.79 -16.65
N ALA B 37 4.00 12.47 -15.94
CA ALA B 37 4.53 11.09 -15.95
C ALA B 37 3.37 10.14 -15.56
N VAL B 38 2.66 10.46 -14.48
CA VAL B 38 1.52 9.63 -14.04
C VAL B 38 0.38 9.48 -15.09
N THR B 39 -0.02 10.61 -15.66
CA THR B 39 -1.08 10.56 -16.63
C THR B 39 -0.65 9.74 -17.85
N GLU B 40 0.56 9.98 -18.36
CA GLU B 40 1.00 9.22 -19.52
C GLU B 40 1.04 7.73 -19.24
N ALA B 41 1.55 7.39 -18.08
CA ALA B 41 1.62 5.98 -17.69
C ALA B 41 0.23 5.38 -17.59
N MET B 42 -0.72 6.11 -17.01
CA MET B 42 -2.07 5.57 -16.90
C MET B 42 -2.59 5.17 -18.27
N LYS B 43 -2.30 6.01 -19.26
CA LYS B 43 -2.83 5.83 -20.58
C LYS B 43 -2.12 4.78 -21.40
N GLU B 44 -0.80 4.79 -21.41
CA GLU B 44 -0.02 3.87 -22.25
C GLU B 44 0.65 2.68 -21.66
N ALA B 45 0.88 2.70 -20.34
CA ALA B 45 1.61 1.62 -19.64
C ALA B 45 0.72 0.89 -18.66
N TRP B 46 -0.46 0.49 -19.12
CA TRP B 46 -1.48 -0.15 -18.28
C TRP B 46 -1.43 -1.67 -18.09
N GLY B 47 -0.55 -2.29 -18.86
CA GLY B 47 -0.49 -3.73 -18.84
C GLY B 47 0.37 -4.35 -17.78
N ASN B 48 0.37 -5.68 -17.84
CA ASN B 48 1.20 -6.46 -16.92
C ASN B 48 2.68 -6.31 -17.28
N PRO B 49 3.52 -5.78 -16.36
CA PRO B 49 4.97 -5.55 -16.48
C PRO B 49 5.75 -6.74 -17.07
N SER B 50 5.32 -7.98 -16.82
CA SER B 50 6.09 -9.09 -17.39
C SER B 50 5.59 -9.71 -18.69
N SER B 51 4.51 -9.16 -19.26
CA SER B 51 3.92 -9.62 -20.51
C SER B 51 4.69 -8.95 -21.63
N SER B 52 4.67 -9.48 -22.84
CA SER B 52 5.48 -8.86 -23.88
C SER B 52 4.77 -7.91 -24.82
N TYR B 53 3.48 -7.69 -24.58
CA TYR B 53 2.75 -6.75 -25.39
C TYR B 53 3.14 -5.30 -24.96
N VAL B 54 2.96 -4.37 -25.89
CA VAL B 54 3.37 -2.98 -25.72
C VAL B 54 2.98 -2.32 -24.37
N ALA B 55 1.70 -2.32 -24.02
CA ALA B 55 1.28 -1.75 -22.75
C ALA B 55 2.00 -2.37 -21.55
N GLY B 56 2.41 -3.65 -21.66
CA GLY B 56 3.14 -4.33 -20.60
C GLY B 56 4.65 -3.97 -20.60
N ARG B 57 5.23 -4.01 -21.77
CA ARG B 57 6.62 -3.67 -21.94
C ARG B 57 6.87 -2.22 -21.51
N LYS B 58 5.94 -1.34 -21.84
CA LYS B 58 6.13 0.05 -21.43
C LYS B 58 6.11 0.13 -19.89
N ALA B 59 5.29 -0.70 -19.26
CA ALA B 59 5.21 -0.68 -17.80
C ALA B 59 6.51 -1.20 -17.23
N LYS B 60 7.04 -2.28 -17.80
CA LYS B 60 8.31 -2.83 -17.31
C LYS B 60 9.42 -1.76 -17.43
N ASP B 61 9.45 -1.02 -18.55
CA ASP B 61 10.48 0.02 -18.72
C ASP B 61 10.29 1.11 -17.66
N ILE B 62 9.05 1.58 -17.48
CA ILE B 62 8.81 2.64 -16.48
C ILE B 62 9.31 2.18 -15.09
N ILE B 63 8.94 0.97 -14.69
CA ILE B 63 9.37 0.47 -13.40
C ILE B 63 10.86 0.36 -13.31
N ASN B 64 11.54 -0.17 -14.32
CA ASN B 64 12.99 -0.27 -14.20
C ASN B 64 13.64 1.12 -14.11
N THR B 65 13.19 2.04 -14.93
CA THR B 65 13.71 3.39 -14.97
C THR B 65 13.50 4.10 -13.61
N ALA B 66 12.32 3.94 -13.06
CA ALA B 66 11.99 4.57 -11.80
C ALA B 66 12.87 3.95 -10.69
N ARG B 67 13.10 2.65 -10.73
CA ARG B 67 13.96 2.02 -9.70
C ARG B 67 15.36 2.66 -9.83
N ALA B 68 15.87 2.81 -11.07
CA ALA B 68 17.15 3.47 -11.20
C ALA B 68 17.13 4.93 -10.65
N SER B 69 16.04 5.66 -10.94
CA SER B 69 15.92 7.05 -10.50
C SER B 69 16.05 7.17 -8.98
N LEU B 70 15.32 6.31 -8.29
CA LEU B 70 15.33 6.29 -6.83
C LEU B 70 16.68 5.92 -6.31
N ALA B 71 17.36 4.98 -6.96
CA ALA B 71 18.69 4.61 -6.52
C ALA B 71 19.65 5.78 -6.75
N LYS B 72 19.48 6.51 -7.87
CA LYS B 72 20.41 7.60 -8.05
C LYS B 72 20.20 8.68 -7.03
N MET B 73 18.94 8.98 -6.74
CA MET B 73 18.58 10.00 -5.74
C MET B 73 19.29 9.83 -4.39
N ILE B 74 19.44 8.59 -3.93
CA ILE B 74 20.06 8.34 -2.65
C ILE B 74 21.48 7.79 -2.66
N GLY B 75 22.10 7.79 -3.83
CA GLY B 75 23.47 7.33 -3.92
C GLY B 75 23.61 5.80 -3.90
N GLY B 76 22.53 5.09 -4.13
CA GLY B 76 22.67 3.64 -4.08
C GLY B 76 22.48 2.94 -5.44
N LYS B 77 22.24 1.62 -5.41
CA LYS B 77 22.05 0.82 -6.62
C LYS B 77 20.59 0.37 -6.78
N PRO B 78 20.13 0.25 -8.02
CA PRO B 78 18.77 -0.15 -8.39
C PRO B 78 18.29 -1.40 -7.65
N GLN B 79 19.13 -2.40 -7.50
CA GLN B 79 18.71 -3.65 -6.85
C GLN B 79 18.45 -3.46 -5.34
N ASP B 80 18.96 -2.37 -4.76
CA ASP B 80 18.80 -2.05 -3.36
C ASP B 80 17.38 -1.39 -3.15
N ILE B 81 16.64 -1.13 -4.21
CA ILE B 81 15.35 -0.48 -4.08
C ILE B 81 14.10 -1.38 -4.21
N ILE B 82 13.23 -1.26 -3.22
CA ILE B 82 11.94 -1.94 -3.16
C ILE B 82 10.79 -0.91 -3.07
N PHE B 83 9.84 -1.00 -4.01
CA PHE B 83 8.69 -0.11 -4.04
C PHE B 83 7.63 -0.54 -3.01
N THR B 84 6.98 0.43 -2.38
CA THR B 84 5.96 0.16 -1.38
C THR B 84 4.79 1.14 -1.57
N SER B 85 3.73 0.93 -0.80
CA SER B 85 2.56 1.81 -0.88
C SER B 85 2.76 3.17 -0.15
N GLY B 86 3.90 3.33 0.52
CA GLY B 86 4.18 4.59 1.23
C GLY B 86 5.14 4.53 2.41
N GLY B 87 5.37 5.67 3.05
CA GLY B 87 6.28 5.67 4.16
C GLY B 87 5.85 4.74 5.29
N THR B 88 4.53 4.66 5.51
CA THR B 88 4.01 3.86 6.59
C THR B 88 4.32 2.40 6.36
N GLU B 89 4.05 1.93 5.16
CA GLU B 89 4.36 0.56 4.82
C GLU B 89 5.86 0.32 4.91
N SER B 90 6.66 1.22 4.35
CA SER B 90 8.11 1.06 4.40
C SER B 90 8.64 0.93 5.83
N ASN B 91 8.21 1.82 6.75
CA ASN B 91 8.69 1.74 8.15
C ASN B 91 8.26 0.44 8.88
N ASN B 92 6.99 0.09 8.74
CA ASN B 92 6.47 -1.16 9.31
C ASN B 92 7.22 -2.39 8.77
N LEU B 93 7.52 -2.39 7.47
CA LEU B 93 8.25 -3.47 6.82
C LEU B 93 9.63 -3.71 7.51
N VAL B 94 10.45 -2.66 7.66
CA VAL B 94 11.74 -2.85 8.31
C VAL B 94 11.64 -3.40 9.75
N ILE B 95 10.68 -2.92 10.51
CA ILE B 95 10.53 -3.39 11.85
C ILE B 95 10.08 -4.89 11.85
N HIS B 96 9.13 -5.26 11.00
CA HIS B 96 8.63 -6.64 10.87
C HIS B 96 9.76 -7.59 10.41
N SER B 97 10.49 -7.18 9.39
CA SER B 97 11.56 -7.97 8.88
C SER B 97 12.66 -8.21 9.93
N THR B 98 12.88 -7.22 10.81
CA THR B 98 13.90 -7.34 11.82
C THR B 98 13.51 -8.42 12.83
N VAL B 99 12.25 -8.40 13.28
CA VAL B 99 11.76 -9.41 14.22
C VAL B 99 11.93 -10.79 13.56
N ARG B 100 11.47 -10.91 12.33
CA ARG B 100 11.58 -12.17 11.64
C ARG B 100 13.04 -12.67 11.55
N CYS B 101 13.95 -11.80 11.08
CA CYS B 101 15.35 -12.15 10.92
C CYS B 101 15.98 -12.69 12.21
N PHE B 102 15.66 -12.08 13.34
CA PHE B 102 16.18 -12.49 14.62
C PHE B 102 15.68 -13.92 14.82
N HIS B 103 14.36 -14.09 14.72
CA HIS B 103 13.74 -15.42 14.86
C HIS B 103 14.39 -16.52 13.97
N GLU B 104 14.59 -16.25 12.69
CA GLU B 104 15.21 -17.17 11.76
C GLU B 104 16.64 -17.50 12.14
N GLN B 105 17.42 -16.49 12.53
CA GLN B 105 18.81 -16.67 12.93
C GLN B 105 18.84 -17.58 14.18
N GLN B 106 17.93 -17.36 15.14
CA GLN B 106 17.86 -18.24 16.34
C GLN B 106 17.61 -19.67 15.91
N THR B 107 16.41 -19.86 15.35
CA THR B 107 15.97 -21.17 14.91
C THR B 107 17.09 -21.92 14.28
N LEU B 108 17.85 -21.28 13.41
CA LEU B 108 18.96 -21.98 12.70
C LEU B 108 20.12 -22.28 13.66
N GLN B 109 20.02 -21.79 14.89
CA GLN B 109 21.07 -21.99 15.92
C GLN B 109 20.86 -23.28 16.77
N THR B 122 14.14 -15.88 23.68
CA THR B 122 14.95 -14.66 23.73
C THR B 122 14.38 -13.72 22.63
N ARG B 123 13.99 -12.51 23.04
CA ARG B 123 13.38 -11.50 22.17
C ARG B 123 14.37 -10.47 21.61
N PRO B 124 14.19 -10.08 20.35
CA PRO B 124 15.09 -9.10 19.72
C PRO B 124 14.92 -7.78 20.46
N HIS B 125 15.92 -6.89 20.40
CA HIS B 125 15.83 -5.58 21.05
C HIS B 125 16.05 -4.48 20.02
N PHE B 126 15.25 -3.42 20.08
CA PHE B 126 15.33 -2.30 19.16
C PHE B 126 15.75 -1.00 19.88
N ILE B 127 16.47 -0.12 19.16
CA ILE B 127 16.79 1.17 19.70
C ILE B 127 16.23 2.23 18.74
N THR B 128 15.42 3.14 19.28
CA THR B 128 14.91 4.27 18.50
C THR B 128 14.99 5.52 19.40
N CYS B 129 14.40 6.63 18.99
CA CYS B 129 14.42 7.79 19.86
C CYS B 129 12.95 8.18 20.18
N THR B 130 12.76 9.11 21.12
CA THR B 130 11.44 9.56 21.55
C THR B 130 10.65 10.46 20.62
N VAL B 131 11.20 10.87 19.48
CA VAL B 131 10.41 11.80 18.64
C VAL B 131 10.10 11.30 17.21
N GLU B 132 10.16 9.96 17.02
CA GLU B 132 9.90 9.37 15.72
C GLU B 132 8.45 9.56 15.28
N HIS B 133 8.21 9.44 13.99
CA HIS B 133 6.87 9.54 13.40
C HIS B 133 6.01 8.39 13.98
N ASP B 134 4.71 8.50 13.88
CA ASP B 134 3.81 7.47 14.42
C ASP B 134 4.11 6.07 13.78
N SER B 135 4.50 6.06 12.51
CA SER B 135 4.73 4.78 11.86
C SER B 135 6.00 4.06 12.26
N ILE B 136 6.79 4.61 13.19
CA ILE B 136 7.98 3.92 13.76
C ILE B 136 7.66 3.67 15.25
N ARG B 137 7.15 4.70 15.92
CA ARG B 137 6.82 4.59 17.34
C ARG B 137 5.71 3.58 17.64
N LEU B 138 4.60 3.66 16.90
CA LEU B 138 3.53 2.72 17.13
C LEU B 138 3.84 1.24 16.78
N PRO B 139 4.54 0.95 15.67
CA PRO B 139 4.78 -0.47 15.48
C PRO B 139 5.69 -1.00 16.62
N LEU B 140 6.69 -0.20 17.02
CA LEU B 140 7.57 -0.62 18.12
C LEU B 140 6.83 -0.79 19.48
N GLU B 141 5.88 0.10 19.74
CA GLU B 141 5.13 0.03 20.99
C GLU B 141 4.33 -1.25 20.97
N HIS B 142 3.75 -1.52 19.81
CA HIS B 142 2.93 -2.69 19.62
C HIS B 142 3.75 -3.96 19.97
N LEU B 143 5.00 -3.99 19.52
CA LEU B 143 5.87 -5.13 19.77
C LEU B 143 6.12 -5.31 21.27
N VAL B 144 6.28 -4.21 21.99
CA VAL B 144 6.46 -4.28 23.43
C VAL B 144 5.20 -4.77 24.15
N GLU B 145 4.06 -4.18 23.85
CA GLU B 145 2.75 -4.52 24.45
C GLU B 145 2.46 -6.04 24.36
N ASP B 146 2.76 -6.59 23.19
CA ASP B 146 2.57 -7.99 22.85
C ASP B 146 3.73 -8.90 23.32
N GLN B 147 4.76 -8.33 23.94
CA GLN B 147 5.96 -9.06 24.39
C GLN B 147 6.71 -9.78 23.30
N VAL B 148 6.68 -9.25 22.08
CA VAL B 148 7.44 -9.84 21.01
C VAL B 148 8.88 -9.30 21.05
N ALA B 149 9.06 -8.05 21.41
CA ALA B 149 10.40 -7.50 21.44
C ALA B 149 10.50 -6.49 22.54
N GLU B 150 11.73 -6.05 22.79
CA GLU B 150 12.00 -5.04 23.77
C GLU B 150 12.50 -3.84 22.98
N VAL B 151 12.24 -2.64 23.49
CA VAL B 151 12.61 -1.43 22.80
C VAL B 151 13.03 -0.32 23.77
N THR B 152 14.13 0.35 23.47
CA THR B 152 14.56 1.47 24.27
C THR B 152 14.25 2.75 23.46
N PHE B 153 13.41 3.62 23.99
CA PHE B 153 13.08 4.85 23.29
C PHE B 153 14.05 5.89 23.89
N VAL B 154 15.17 6.12 23.23
CA VAL B 154 16.14 7.06 23.72
C VAL B 154 15.66 8.49 23.72
N PRO B 155 15.74 9.17 24.86
CA PRO B 155 15.28 10.56 24.86
C PRO B 155 16.24 11.43 24.09
N VAL B 156 15.72 12.47 23.44
CA VAL B 156 16.59 13.41 22.74
C VAL B 156 17.08 14.50 23.71
N SER B 157 18.06 15.29 23.28
CA SER B 157 18.63 16.34 24.14
C SER B 157 17.53 17.28 24.53
N LYS B 158 17.44 17.55 25.84
CA LYS B 158 16.40 18.45 26.24
C LYS B 158 16.95 19.81 25.77
N VAL B 159 18.21 19.86 25.35
CA VAL B 159 18.70 21.14 24.88
C VAL B 159 18.20 21.61 23.51
N ASN B 160 18.64 20.88 22.45
CA ASN B 160 18.40 21.15 21.00
C ASN B 160 17.44 20.13 20.30
N GLY B 161 17.21 18.98 20.91
CA GLY B 161 16.26 18.08 20.28
C GLY B 161 16.88 17.02 19.41
N GLN B 162 18.18 16.83 19.53
CA GLN B 162 18.79 15.82 18.71
C GLN B 162 19.08 14.66 19.61
N VAL B 163 18.96 13.46 19.10
CA VAL B 163 19.27 12.35 19.91
C VAL B 163 20.80 12.31 19.84
N GLU B 164 21.45 11.90 20.91
CA GLU B 164 22.91 11.85 20.89
C GLU B 164 23.54 10.50 20.71
N VAL B 165 24.61 10.46 19.91
CA VAL B 165 25.33 9.24 19.60
C VAL B 165 25.66 8.42 20.81
N GLU B 166 26.17 9.06 21.85
CA GLU B 166 26.55 8.28 23.01
C GLU B 166 25.37 7.61 23.69
N ASP B 167 24.17 8.22 23.65
CA ASP B 167 23.01 7.62 24.32
C ASP B 167 22.51 6.43 23.51
N ILE B 168 22.59 6.54 22.19
CA ILE B 168 22.22 5.40 21.34
C ILE B 168 23.23 4.28 21.66
N LEU B 169 24.55 4.55 21.56
CA LEU B 169 25.53 3.51 21.81
C LEU B 169 25.44 2.89 23.22
N ALA B 170 25.23 3.72 24.24
CA ALA B 170 25.11 3.16 25.57
C ALA B 170 23.84 2.30 25.65
N ALA B 171 22.87 2.54 24.77
CA ALA B 171 21.62 1.74 24.85
C ALA B 171 21.71 0.30 24.28
N VAL B 172 22.81 -0.04 23.64
CA VAL B 172 22.97 -1.36 23.05
C VAL B 172 22.93 -2.51 24.08
N ARG B 173 22.24 -3.60 23.74
CA ARG B 173 22.10 -4.79 24.63
C ARG B 173 22.60 -5.98 23.82
N PRO B 174 22.72 -7.17 24.44
CA PRO B 174 23.21 -8.34 23.72
C PRO B 174 22.35 -8.74 22.53
N THR B 175 21.04 -8.53 22.67
CA THR B 175 20.10 -8.88 21.62
C THR B 175 19.67 -7.73 20.73
N THR B 176 20.32 -6.58 20.87
CA THR B 176 19.92 -5.43 20.03
C THR B 176 20.11 -5.83 18.56
N CYS B 177 19.08 -5.80 17.71
CA CYS B 177 19.39 -6.11 16.33
C CYS B 177 19.13 -4.97 15.35
N LEU B 178 18.48 -3.90 15.82
CA LEU B 178 18.25 -2.72 14.93
C LEU B 178 18.20 -1.40 15.68
N VAL B 179 18.79 -0.38 15.08
CA VAL B 179 18.76 0.97 15.62
C VAL B 179 18.00 1.71 14.49
N THR B 180 16.87 2.29 14.78
CA THR B 180 16.07 3.06 13.79
C THR B 180 15.93 4.50 14.37
N ILE B 181 16.37 5.50 13.60
CA ILE B 181 16.35 6.91 14.01
C ILE B 181 16.13 7.79 12.80
N MET B 182 15.10 8.58 12.85
CA MET B 182 14.73 9.45 11.73
C MET B 182 15.89 10.38 11.33
N LEU B 183 16.01 10.71 10.04
CA LEU B 183 17.13 11.56 9.59
C LEU B 183 17.00 12.98 10.11
N ALA B 184 15.77 13.43 10.11
CA ALA B 184 15.43 14.79 10.51
C ALA B 184 14.11 14.71 11.17
N ASN B 185 13.99 15.34 12.32
CA ASN B 185 12.70 15.36 12.97
C ASN B 185 11.75 16.26 12.15
N ASN B 186 10.50 15.81 12.03
CA ASN B 186 9.61 16.54 11.20
C ASN B 186 8.94 17.80 11.86
N GLU B 187 8.91 17.87 13.19
CA GLU B 187 8.34 19.04 13.87
C GLU B 187 9.26 20.27 14.00
N THR B 188 10.54 20.05 14.32
CA THR B 188 11.51 21.12 14.49
C THR B 188 12.55 21.20 13.34
N GLY B 189 12.71 20.12 12.57
CA GLY B 189 13.68 20.13 11.48
C GLY B 189 15.11 19.76 11.84
N VAL B 190 15.37 19.54 13.12
CA VAL B 190 16.70 19.19 13.56
C VAL B 190 17.19 17.89 12.92
N ILE B 191 18.44 17.85 12.46
CA ILE B 191 19.05 16.66 11.81
C ILE B 191 19.67 15.73 12.83
N MET B 192 19.42 14.43 12.71
CA MET B 192 19.97 13.47 13.64
C MET B 192 21.32 12.98 13.12
N PRO B 193 22.24 12.66 14.03
CA PRO B 193 23.58 12.22 13.65
C PRO B 193 23.64 10.82 13.01
N ILE B 194 22.89 10.61 11.94
CA ILE B 194 22.86 9.27 11.30
C ILE B 194 24.26 8.73 10.94
N SER B 195 25.08 9.54 10.25
CA SER B 195 26.42 9.12 9.90
C SER B 195 27.28 8.54 11.01
N GLU B 196 27.35 9.28 12.12
CA GLU B 196 28.15 8.90 13.28
C GLU B 196 27.56 7.64 13.97
N ILE B 197 26.25 7.59 14.06
CA ILE B 197 25.59 6.43 14.63
C ILE B 197 26.04 5.18 13.82
N SER B 198 25.95 5.25 12.47
CA SER B 198 26.37 4.11 11.62
C SER B 198 27.85 3.70 11.82
N ARG B 199 28.71 4.71 11.90
CA ARG B 199 30.16 4.56 12.05
C ARG B 199 30.43 3.82 13.34
N ARG B 200 29.84 4.33 14.39
CA ARG B 200 29.99 3.73 15.70
C ARG B 200 29.41 2.31 15.79
N ILE B 201 28.27 2.07 15.14
CA ILE B 201 27.67 0.73 15.19
C ILE B 201 28.58 -0.20 14.35
N LYS B 202 29.17 0.36 13.28
CA LYS B 202 30.08 -0.44 12.42
C LYS B 202 31.23 -0.95 13.33
N ALA B 203 31.79 -0.03 14.11
CA ALA B 203 32.89 -0.33 15.00
C ALA B 203 32.43 -1.37 16.02
N LEU B 204 31.31 -1.10 16.66
CA LEU B 204 30.78 -1.99 17.67
C LEU B 204 30.57 -3.40 17.10
N ASN B 205 29.99 -3.51 15.88
CA ASN B 205 29.72 -4.80 15.25
C ASN B 205 30.96 -5.72 15.11
N GLN B 206 32.16 -5.14 14.98
CA GLN B 206 33.35 -6.01 14.91
C GLN B 206 33.61 -6.68 16.28
N ILE B 207 33.36 -5.95 17.35
CA ILE B 207 33.54 -6.45 18.71
C ILE B 207 32.44 -7.50 18.98
N ARG B 208 31.21 -7.20 18.55
CA ARG B 208 30.12 -8.13 18.75
C ARG B 208 30.40 -9.43 18.00
N ALA B 209 30.96 -9.30 16.80
CA ALA B 209 31.29 -10.48 16.01
C ALA B 209 32.26 -11.42 16.78
N ALA B 210 33.21 -10.81 17.52
CA ALA B 210 34.19 -11.62 18.28
C ALA B 210 33.47 -12.50 19.24
N SER B 211 32.40 -12.00 19.86
CA SER B 211 31.64 -12.86 20.77
C SER B 211 30.56 -13.68 20.14
N GLY B 212 30.19 -13.41 18.91
CA GLY B 212 29.12 -14.20 18.34
C GLY B 212 27.75 -13.55 18.49
N LEU B 213 27.71 -12.29 18.99
CA LEU B 213 26.43 -11.57 19.17
C LEU B 213 25.90 -11.17 17.80
N PRO B 214 24.58 -11.07 17.61
CA PRO B 214 24.25 -10.68 16.24
C PRO B 214 24.65 -9.27 15.94
N ARG B 215 24.76 -8.94 14.66
CA ARG B 215 25.13 -7.59 14.27
C ARG B 215 23.88 -6.69 14.39
N VAL B 216 24.13 -5.41 14.73
CA VAL B 216 23.08 -4.39 14.89
C VAL B 216 22.95 -3.69 13.51
N LEU B 217 21.73 -3.59 12.96
CA LEU B 217 21.59 -2.93 11.67
C LEU B 217 21.08 -1.54 11.93
N VAL B 218 21.21 -0.67 10.97
CA VAL B 218 20.77 0.69 11.17
C VAL B 218 19.79 1.09 10.08
N HIS B 219 18.66 1.65 10.48
CA HIS B 219 17.66 2.16 9.52
C HIS B 219 17.37 3.63 9.79
N THR B 220 17.11 4.42 8.74
CA THR B 220 16.70 5.80 9.00
C THR B 220 15.44 6.15 8.18
N ASP B 221 14.47 6.74 8.87
CA ASP B 221 13.27 7.25 8.27
C ASP B 221 13.76 8.64 7.73
N ALA B 222 14.05 8.68 6.42
CA ALA B 222 14.54 9.88 5.73
C ALA B 222 13.42 10.69 5.09
N ALA B 223 12.19 10.36 5.42
CA ALA B 223 11.05 11.03 4.82
C ALA B 223 11.20 12.57 4.59
N GLN B 224 11.60 13.30 5.63
CA GLN B 224 11.69 14.74 5.60
C GLN B 224 12.90 15.33 4.98
N ALA B 225 13.87 14.47 4.66
CA ALA B 225 15.11 14.98 4.15
C ALA B 225 15.21 15.01 2.65
N LEU B 226 14.57 14.04 1.97
CA LEU B 226 14.64 13.99 0.53
C LEU B 226 14.08 15.25 -0.14
N GLY B 227 14.88 15.82 -1.06
CA GLY B 227 14.50 17.03 -1.74
C GLY B 227 14.90 18.29 -0.97
N LYS B 228 15.45 18.13 0.22
CA LYS B 228 15.78 19.32 0.99
C LYS B 228 17.22 19.37 1.37
N ARG B 229 17.86 18.22 1.27
CA ARG B 229 19.22 18.11 1.70
C ARG B 229 19.80 16.89 1.00
N ARG B 230 21.09 16.87 0.66
CA ARG B 230 21.59 15.67 -0.02
C ARG B 230 21.46 14.38 0.82
N VAL B 231 20.88 13.32 0.23
CA VAL B 231 20.81 12.03 0.94
C VAL B 231 21.68 11.00 0.19
N ASP B 232 22.71 10.49 0.87
CA ASP B 232 23.61 9.53 0.26
C ASP B 232 23.83 8.37 1.22
N VAL B 233 23.41 7.15 0.84
CA VAL B 233 23.54 5.99 1.71
C VAL B 233 24.95 5.59 2.09
N GLU B 234 25.91 5.92 1.24
CA GLU B 234 27.30 5.64 1.54
C GLU B 234 27.72 6.66 2.60
N ASP B 235 27.38 7.92 2.44
CA ASP B 235 27.68 8.86 3.55
C ASP B 235 26.91 8.41 4.83
N LEU B 236 25.63 8.11 4.71
CA LEU B 236 24.81 7.73 5.88
C LEU B 236 25.22 6.39 6.52
N GLY B 237 25.76 5.48 5.72
CA GLY B 237 26.23 4.18 6.22
C GLY B 237 25.14 3.25 6.73
N VAL B 238 23.89 3.60 6.48
CA VAL B 238 22.74 2.82 6.94
C VAL B 238 22.49 1.55 6.12
N ASP B 239 21.79 0.60 6.76
CA ASP B 239 21.39 -0.64 6.09
C ASP B 239 19.97 -0.56 5.48
N PHE B 240 19.16 0.37 5.97
CA PHE B 240 17.80 0.56 5.46
C PHE B 240 17.45 2.06 5.43
N LEU B 241 16.59 2.46 4.51
CA LEU B 241 16.26 3.87 4.48
C LEU B 241 14.88 4.01 3.85
N THR B 242 13.99 4.68 4.57
CA THR B 242 12.61 4.91 4.10
C THR B 242 12.48 6.13 3.21
N ILE B 243 11.78 5.94 2.11
CA ILE B 243 11.58 6.97 1.09
C ILE B 243 10.09 7.28 0.94
N VAL B 244 9.74 8.57 1.07
CA VAL B 244 8.33 8.96 0.99
C VAL B 244 7.95 9.95 -0.11
N GLY B 245 7.30 9.42 -1.13
CA GLY B 245 6.89 10.20 -2.27
C GLY B 245 6.29 11.60 -2.02
N HIS B 246 5.23 11.66 -1.24
CA HIS B 246 4.55 12.94 -1.06
C HIS B 246 5.26 14.04 -0.23
N LYS B 247 6.44 13.76 0.30
CA LYS B 247 7.22 14.79 0.98
C LYS B 247 8.17 15.48 -0.08
N PHE B 248 8.28 14.92 -1.29
CA PHE B 248 9.11 15.54 -2.33
C PHE B 248 8.45 15.72 -3.69
N TYR B 249 7.23 16.23 -3.59
CA TYR B 249 6.45 16.60 -4.75
C TYR B 249 6.14 15.42 -5.66
N GLY B 250 6.23 14.22 -5.09
CA GLY B 250 5.87 12.99 -5.79
C GLY B 250 4.54 12.38 -5.33
N PRO B 251 4.15 11.29 -5.97
CA PRO B 251 2.89 10.69 -5.58
C PRO B 251 2.93 10.06 -4.19
N ARG B 252 1.74 9.71 -3.70
CA ARG B 252 1.51 9.10 -2.41
C ARG B 252 1.93 7.59 -2.26
N ILE B 253 3.06 7.24 -2.86
CA ILE B 253 3.60 5.89 -2.66
C ILE B 253 5.01 6.09 -2.11
N GLY B 254 5.76 5.03 -1.90
CA GLY B 254 7.10 5.20 -1.36
C GLY B 254 7.99 4.02 -1.70
N ALA B 255 9.08 3.89 -0.99
CA ALA B 255 9.98 2.79 -1.27
C ALA B 255 10.84 2.53 -0.07
N LEU B 256 11.70 1.54 -0.20
CA LEU B 256 12.58 1.21 0.89
C LEU B 256 13.92 0.75 0.34
N TYR B 257 14.97 1.41 0.82
CA TYR B 257 16.34 1.06 0.46
C TYR B 257 16.75 -0.04 1.47
N VAL B 258 17.38 -1.10 0.95
CA VAL B 258 17.92 -2.22 1.76
C VAL B 258 19.28 -2.52 1.14
N ARG B 259 20.37 -2.26 1.86
CA ARG B 259 21.70 -2.42 1.30
C ARG B 259 22.01 -3.87 0.88
N GLY B 260 22.39 -4.05 -0.40
CA GLY B 260 22.71 -5.37 -0.87
C GLY B 260 21.69 -6.39 -0.36
N VAL B 261 20.42 -6.11 -0.64
CA VAL B 261 19.34 -6.99 -0.24
C VAL B 261 19.58 -8.40 -0.88
N GLY B 262 19.38 -9.43 -0.07
CA GLY B 262 19.58 -10.81 -0.51
C GLY B 262 21.05 -11.23 -0.41
N LYS B 263 21.94 -10.29 -0.16
CA LYS B 263 23.37 -10.58 -0.16
C LYS B 263 24.08 -10.11 1.13
N LEU B 264 23.91 -8.85 1.52
CA LEU B 264 24.47 -8.33 2.79
C LEU B 264 23.36 -8.02 3.81
N THR B 265 22.14 -7.75 3.34
CA THR B 265 21.03 -7.45 4.27
C THR B 265 19.76 -8.28 3.98
N PRO B 266 19.11 -8.86 5.01
CA PRO B 266 17.91 -9.62 4.68
C PRO B 266 16.68 -8.71 4.70
N LEU B 267 15.65 -9.10 3.96
CA LEU B 267 14.36 -8.40 4.01
C LEU B 267 13.32 -9.50 3.97
N TYR B 268 12.61 -9.72 5.08
CA TYR B 268 11.55 -10.73 5.09
C TYR B 268 10.24 -9.98 4.76
N PRO B 269 9.43 -10.53 3.87
CA PRO B 269 8.19 -9.82 3.53
C PRO B 269 7.11 -9.83 4.59
N MET B 270 6.17 -8.87 4.48
CA MET B 270 4.97 -8.80 5.32
C MET B 270 3.81 -9.34 4.48
N LEU B 271 3.96 -9.26 3.15
CA LEU B 271 2.92 -9.70 2.22
C LEU B 271 3.32 -10.90 1.36
N PHE B 272 2.37 -11.78 1.09
CA PHE B 272 2.63 -12.93 0.25
C PHE B 272 1.69 -12.96 -0.93
N GLY B 273 2.25 -13.26 -2.08
CA GLY B 273 1.45 -13.36 -3.28
C GLY B 273 2.28 -13.60 -4.53
N GLY B 274 1.87 -12.95 -5.61
CA GLY B 274 2.44 -13.10 -6.93
C GLY B 274 3.86 -12.90 -7.33
N GLY B 275 4.82 -12.78 -6.43
CA GLY B 275 6.18 -12.63 -6.92
C GLY B 275 6.74 -11.27 -7.29
N GLN B 276 5.90 -10.23 -7.28
CA GLN B 276 6.40 -8.89 -7.63
C GLN B 276 7.44 -8.38 -6.60
N GLU B 277 8.30 -7.48 -7.05
CA GLU B 277 9.37 -6.94 -6.22
C GLU B 277 10.21 -8.13 -5.63
N ARG B 278 10.49 -9.13 -6.49
CA ARG B 278 11.27 -10.29 -6.08
C ARG B 278 10.72 -10.94 -4.81
N ASN B 279 9.41 -10.85 -4.63
CA ASN B 279 8.70 -11.36 -3.45
C ASN B 279 8.94 -10.65 -2.14
N PHE B 280 9.73 -9.59 -2.19
CA PHE B 280 9.93 -8.77 -1.02
C PHE B 280 8.62 -7.95 -0.80
N ARG B 281 7.90 -7.67 -1.88
CA ARG B 281 6.67 -6.91 -1.80
C ARG B 281 5.78 -7.26 -3.00
N PRO B 282 5.00 -8.34 -2.87
CA PRO B 282 4.11 -8.82 -3.91
C PRO B 282 2.91 -7.91 -4.15
N GLY B 283 2.27 -8.15 -5.29
CA GLY B 283 1.11 -7.42 -5.74
C GLY B 283 1.42 -6.68 -7.03
N THR B 284 0.51 -6.71 -8.00
CA THR B 284 0.63 -6.04 -9.30
C THR B 284 1.19 -4.62 -9.04
N GLU B 285 2.24 -4.24 -9.76
CA GLU B 285 2.90 -2.94 -9.60
C GLU B 285 1.98 -1.79 -10.04
N ASN B 286 1.95 -0.72 -9.25
CA ASN B 286 1.12 0.43 -9.58
C ASN B 286 2.02 1.32 -10.49
N THR B 287 2.12 0.92 -11.74
CA THR B 287 3.00 1.59 -12.72
C THR B 287 2.90 3.15 -12.75
N PRO B 288 1.67 3.69 -12.87
CA PRO B 288 1.54 5.17 -12.88
C PRO B 288 2.11 5.81 -11.62
N MET B 289 1.82 5.22 -10.46
CA MET B 289 2.34 5.76 -9.23
C MET B 289 3.88 5.70 -9.26
N ILE B 290 4.42 4.63 -9.82
CA ILE B 290 5.85 4.45 -9.87
C ILE B 290 6.51 5.45 -10.84
N ALA B 291 5.85 5.73 -11.95
CA ALA B 291 6.33 6.70 -12.92
C ALA B 291 6.43 8.07 -12.20
N GLY B 292 5.39 8.37 -11.44
CA GLY B 292 5.36 9.62 -10.69
C GLY B 292 6.48 9.69 -9.69
N LEU B 293 6.66 8.60 -8.94
CA LEU B 293 7.70 8.50 -7.95
C LEU B 293 9.06 8.73 -8.61
N GLY B 294 9.33 8.06 -9.74
CA GLY B 294 10.60 8.18 -10.46
C GLY B 294 10.95 9.59 -10.97
N LYS B 295 9.97 10.26 -11.56
CA LYS B 295 10.12 11.63 -12.04
C LYS B 295 10.46 12.52 -10.84
N ALA B 296 9.72 12.40 -9.73
CA ALA B 296 9.99 13.23 -8.53
C ALA B 296 11.43 13.03 -8.06
N ALA B 297 11.93 11.80 -8.13
CA ALA B 297 13.33 11.50 -7.72
C ALA B 297 14.33 12.09 -8.73
N ASP B 298 14.00 12.03 -10.02
CA ASP B 298 14.92 12.63 -11.00
C ASP B 298 15.05 14.11 -10.69
N LEU B 299 13.95 14.80 -10.37
CA LEU B 299 14.02 16.25 -10.04
C LEU B 299 14.90 16.50 -8.80
N VAL B 300 14.79 15.63 -7.78
CA VAL B 300 15.68 15.77 -6.65
C VAL B 300 17.14 15.57 -7.07
N SER B 301 17.41 14.53 -7.85
CA SER B 301 18.77 14.29 -8.28
C SER B 301 19.29 15.50 -9.05
N GLU B 302 18.48 16.00 -9.97
CA GLU B 302 18.87 17.13 -10.79
C GLU B 302 19.00 18.46 -9.99
N ASN B 303 17.98 18.78 -9.21
CA ASN B 303 17.88 20.07 -8.52
C ASN B 303 17.97 20.18 -6.98
N CYS B 304 18.38 19.11 -6.30
CA CYS B 304 18.36 19.20 -4.85
C CYS B 304 19.04 20.44 -4.25
N GLU B 305 20.23 20.76 -4.75
CA GLU B 305 20.99 21.88 -4.19
C GLU B 305 20.32 23.23 -4.39
N THR B 306 19.54 23.31 -5.48
CA THR B 306 18.80 24.50 -5.82
C THR B 306 17.60 24.62 -4.87
N TYR B 307 16.87 23.52 -4.68
CA TYR B 307 15.74 23.56 -3.75
C TYR B 307 16.29 23.89 -2.35
N GLU B 308 17.32 23.21 -1.94
CA GLU B 308 17.88 23.48 -0.62
C GLU B 308 18.28 24.98 -0.36
N ALA B 309 18.99 25.55 -1.33
CA ALA B 309 19.46 26.92 -1.20
C ALA B 309 18.26 27.89 -1.14
N HIS B 310 17.29 27.69 -1.99
CA HIS B 310 16.12 28.52 -1.97
C HIS B 310 15.34 28.43 -0.66
N MET B 311 15.14 27.18 -0.20
CA MET B 311 14.43 26.98 1.03
C MET B 311 15.14 27.73 2.15
N ARG B 312 16.45 27.57 2.25
CA ARG B 312 17.24 28.22 3.29
C ARG B 312 17.17 29.74 3.18
N ASP B 313 17.27 30.32 1.97
CA ASP B 313 17.17 31.78 1.81
C ASP B 313 15.82 32.26 2.36
N ILE B 314 14.75 31.61 1.92
CA ILE B 314 13.40 31.99 2.34
C ILE B 314 13.15 31.78 3.86
N ARG B 315 13.57 30.63 4.39
CA ARG B 315 13.40 30.38 5.82
C ARG B 315 14.17 31.39 6.70
N ASP B 316 15.41 31.67 6.33
CA ASP B 316 16.21 32.57 7.15
C ASP B 316 15.62 33.96 7.12
N TYR B 317 15.01 34.31 5.98
CA TYR B 317 14.35 35.59 5.78
C TYR B 317 13.11 35.61 6.66
N LEU B 318 12.41 34.48 6.69
CA LEU B 318 11.24 34.37 7.52
C LEU B 318 11.62 34.61 8.98
N GLU B 319 12.68 33.96 9.44
CA GLU B 319 13.09 34.14 10.79
C GLU B 319 13.49 35.60 11.08
N GLU B 320 14.04 36.29 10.09
CA GLU B 320 14.40 37.68 10.37
C GLU B 320 13.15 38.55 10.47
N ARG B 321 12.13 38.31 9.65
CA ARG B 321 10.94 39.11 9.73
C ARG B 321 10.14 38.83 11.03
N LEU B 322 10.11 37.57 11.46
CA LEU B 322 9.44 37.22 12.71
C LEU B 322 10.13 37.93 13.84
N GLU B 323 11.44 37.92 13.84
CA GLU B 323 12.13 38.59 14.91
C GLU B 323 11.93 40.13 14.90
N ALA B 324 11.90 40.70 13.71
CA ALA B 324 11.72 42.12 13.57
C ALA B 324 10.26 42.52 13.92
N GLU B 325 9.33 41.61 13.74
CA GLU B 325 7.98 41.95 14.08
C GLU B 325 7.60 41.63 15.52
N PHE B 326 8.22 40.62 16.14
CA PHE B 326 7.81 40.18 17.47
C PHE B 326 8.87 40.30 18.55
N GLY B 327 10.07 40.66 18.12
CA GLY B 327 11.11 40.82 19.12
C GLY B 327 11.31 39.66 20.05
N LYS B 328 11.44 40.02 21.33
CA LYS B 328 11.70 39.07 22.37
C LYS B 328 10.45 38.26 22.67
N ARG B 329 9.35 38.62 22.07
CA ARG B 329 8.16 37.83 22.30
C ARG B 329 8.19 36.43 21.55
N ILE B 330 9.09 36.27 20.61
CA ILE B 330 9.09 35.01 19.85
C ILE B 330 10.32 34.17 20.17
N HIS B 331 10.13 32.85 20.24
CA HIS B 331 11.19 31.87 20.49
C HIS B 331 11.26 31.05 19.18
N LEU B 332 12.46 30.89 18.66
CA LEU B 332 12.67 30.13 17.43
C LEU B 332 13.14 28.76 17.88
N ASN B 333 12.16 27.84 18.02
CA ASN B 333 12.36 26.46 18.46
C ASN B 333 13.14 25.51 17.54
N SER B 334 13.46 25.92 16.30
CA SER B 334 14.23 25.03 15.42
C SER B 334 15.65 25.53 15.34
N ARG B 335 15.94 26.60 16.05
CA ARG B 335 17.25 27.24 15.90
C ARG B 335 18.16 27.32 17.09
N PHE B 336 19.21 26.51 17.05
CA PHE B 336 20.27 26.47 18.04
C PHE B 336 21.62 26.66 17.34
N PRO B 337 22.63 27.08 18.12
CA PRO B 337 23.92 27.28 17.45
C PRO B 337 24.61 25.92 17.24
N GLY B 338 25.10 25.70 16.03
CA GLY B 338 25.75 24.42 15.82
C GLY B 338 24.79 23.23 15.67
N VAL B 339 23.49 23.48 15.66
CA VAL B 339 22.59 22.35 15.44
C VAL B 339 22.11 22.34 13.98
N GLU B 340 22.51 21.33 13.21
CA GLU B 340 22.07 21.29 11.84
C GLU B 340 20.55 21.10 11.74
N ARG B 341 19.94 21.75 10.74
CA ARG B 341 18.53 21.60 10.55
C ARG B 341 18.08 21.66 9.10
N LEU B 342 16.94 21.04 8.80
CA LEU B 342 16.41 21.11 7.46
C LEU B 342 16.39 22.63 7.10
N PRO B 343 16.59 22.97 5.83
CA PRO B 343 16.61 24.36 5.37
C PRO B 343 15.25 25.04 5.21
N ASN B 344 14.17 24.31 5.35
CA ASN B 344 12.90 24.95 5.10
C ASN B 344 12.07 25.10 6.36
N THR B 345 12.58 24.64 7.47
CA THR B 345 11.74 24.59 8.65
C THR B 345 11.96 25.61 9.75
N CYS B 346 10.87 26.22 10.20
CA CYS B 346 10.90 27.20 11.28
C CYS B 346 9.79 26.90 12.32
N ASN B 347 10.13 26.28 13.44
CA ASN B 347 9.10 26.00 14.45
C ASN B 347 9.24 27.20 15.38
N PHE B 348 8.15 27.88 15.69
CA PHE B 348 8.22 29.06 16.58
C PHE B 348 7.05 29.17 17.55
N SER B 349 7.30 29.88 18.64
CA SER B 349 6.27 30.13 19.65
C SER B 349 6.29 31.62 20.04
N ILE B 350 5.13 32.24 20.10
CA ILE B 350 5.06 33.66 20.52
C ILE B 350 4.47 33.57 21.94
N GLN B 351 5.19 34.12 22.94
CA GLN B 351 4.75 34.08 24.35
C GLN B 351 3.40 34.81 24.48
N GLY B 352 2.49 34.28 25.28
CA GLY B 352 1.22 34.93 25.44
C GLY B 352 0.22 33.89 25.85
N SER B 353 -0.61 34.19 26.86
CA SER B 353 -1.52 33.14 27.28
C SER B 353 -2.54 32.80 26.22
N GLN B 354 -2.90 33.75 25.37
CA GLN B 354 -3.90 33.49 24.32
C GLN B 354 -3.30 33.02 22.97
N LEU B 355 -2.01 32.64 22.96
CA LEU B 355 -1.35 32.27 21.72
C LEU B 355 -1.00 30.78 21.52
N ARG B 356 -1.93 29.89 21.95
CA ARG B 356 -1.76 28.45 21.72
C ARG B 356 -1.63 28.33 20.21
N GLY B 357 -0.79 27.39 19.77
CA GLY B 357 -0.59 27.28 18.34
C GLY B 357 -1.85 27.14 17.53
N TYR B 358 -2.76 26.26 17.93
CA TYR B 358 -3.98 26.11 17.13
C TYR B 358 -4.86 27.37 17.11
N MET B 359 -4.79 28.19 18.16
CA MET B 359 -5.56 29.46 18.24
C MET B 359 -4.96 30.49 17.26
N VAL B 360 -3.65 30.61 17.22
CA VAL B 360 -3.02 31.54 16.29
C VAL B 360 -3.39 31.15 14.85
N LEU B 361 -3.31 29.85 14.57
CA LEU B 361 -3.58 29.39 13.22
C LEU B 361 -5.03 29.56 12.88
N ALA B 362 -5.90 29.36 13.88
CA ALA B 362 -7.34 29.55 13.72
C ALA B 362 -7.63 30.99 13.30
N GLN B 363 -6.80 31.94 13.77
CA GLN B 363 -7.03 33.35 13.45
C GLN B 363 -6.35 33.84 12.23
N CYS B 364 -5.37 33.07 11.75
CA CYS B 364 -4.70 33.55 10.57
C CYS B 364 -5.71 33.48 9.44
N GLN B 365 -5.60 34.42 8.53
CA GLN B 365 -6.49 34.46 7.38
C GLN B 365 -5.82 34.05 6.12
N THR B 366 -4.51 34.05 6.12
CA THR B 366 -3.80 33.76 4.89
C THR B 366 -2.92 32.51 4.95
N LEU B 367 -2.14 32.46 6.00
CA LEU B 367 -1.19 31.37 6.25
C LEU B 367 -1.89 30.00 6.52
N LEU B 368 -1.34 28.91 5.95
CA LEU B 368 -1.79 27.51 6.14
C LEU B 368 -0.49 26.88 6.67
N ALA B 369 -0.47 26.45 7.92
CA ALA B 369 0.72 25.82 8.51
C ALA B 369 0.15 24.80 9.44
N SER B 370 0.89 24.31 10.42
CA SER B 370 0.29 23.30 11.30
C SER B 370 0.90 23.47 12.66
N VAL B 371 0.31 22.86 13.68
CA VAL B 371 0.86 23.01 15.02
C VAL B 371 2.03 22.05 15.27
N GLY B 372 1.97 20.91 14.60
CA GLY B 372 2.99 19.86 14.61
C GLY B 372 2.82 18.98 13.36
N ALA B 373 2.84 17.63 13.49
CA ALA B 373 2.69 16.75 12.31
C ALA B 373 1.19 16.59 12.00
N SER B 374 0.83 16.40 10.72
CA SER B 374 -0.61 16.26 10.31
C SER B 374 -1.40 15.03 10.76
N CYS B 375 -0.71 13.91 10.97
CA CYS B 375 -1.47 12.76 11.46
C CYS B 375 -1.82 13.09 12.99
N HIS B 376 -1.40 14.24 13.49
CA HIS B 376 -1.77 14.58 14.90
C HIS B 376 -2.82 15.74 14.87
N SER B 377 -3.30 16.05 13.65
CA SER B 377 -4.33 17.10 13.47
C SER B 377 -5.49 16.97 14.50
N ASP B 378 -5.78 15.73 14.93
CA ASP B 378 -6.91 15.43 15.86
C ASP B 378 -6.83 16.06 17.28
N HIS B 379 -5.58 16.19 17.80
CA HIS B 379 -5.36 16.80 19.13
C HIS B 379 -4.49 18.06 19.01
N GLU B 380 -4.90 19.03 18.18
CA GLU B 380 -4.09 20.25 17.96
C GLU B 380 -3.89 21.07 19.24
N ASP B 381 -4.64 20.73 20.31
CA ASP B 381 -4.57 21.51 21.57
C ASP B 381 -3.67 20.94 22.70
N ARG B 382 -2.96 19.83 22.46
CA ARG B 382 -2.05 19.33 23.52
C ARG B 382 -0.70 19.95 23.10
N PRO B 383 0.18 20.24 24.06
CA PRO B 383 1.42 20.82 23.54
C PRO B 383 1.98 19.63 22.74
N SER B 384 2.97 19.86 21.85
CA SER B 384 3.57 18.77 21.04
C SER B 384 4.35 17.78 21.93
N PRO B 385 4.05 16.47 21.85
CA PRO B 385 4.85 15.57 22.72
C PRO B 385 6.32 15.63 22.24
N VAL B 386 6.48 15.76 20.93
CA VAL B 386 7.82 15.84 20.34
C VAL B 386 8.53 17.07 20.90
N LEU B 387 7.90 18.26 20.80
CA LEU B 387 8.54 19.49 21.33
C LEU B 387 8.95 19.30 22.84
N LEU B 388 8.01 18.72 23.59
CA LEU B 388 8.19 18.39 25.02
C LEU B 388 9.47 17.58 25.22
N SER B 389 9.52 16.49 24.47
CA SER B 389 10.67 15.60 24.58
C SER B 389 12.01 16.28 24.18
N CYS B 390 11.96 17.35 23.36
CA CYS B 390 13.24 18.05 23.03
C CYS B 390 13.66 19.04 24.11
N GLY B 391 12.81 19.27 25.11
CA GLY B 391 13.20 20.22 26.16
C GLY B 391 12.52 21.57 26.09
N ILE B 392 11.43 21.68 25.32
CA ILE B 392 10.71 22.91 25.18
C ILE B 392 9.66 22.99 26.32
N PRO B 393 9.61 24.13 27.02
CA PRO B 393 8.63 24.23 28.12
C PRO B 393 7.23 23.91 27.60
N VAL B 394 6.31 23.64 28.52
CA VAL B 394 4.99 23.29 28.07
C VAL B 394 4.40 24.63 27.69
N ASP B 395 4.85 25.68 28.38
CA ASP B 395 4.35 27.04 28.13
C ASP B 395 4.78 27.46 26.69
N VAL B 396 6.05 27.13 26.32
CA VAL B 396 6.55 27.40 24.97
C VAL B 396 5.99 26.39 23.96
N ALA B 397 6.02 25.08 24.25
CA ALA B 397 5.49 24.10 23.28
C ALA B 397 3.99 24.23 23.02
N ARG B 398 3.23 24.58 24.05
CA ARG B 398 1.80 24.79 23.91
C ARG B 398 1.46 25.82 22.82
N ASN B 399 2.36 26.80 22.64
CA ASN B 399 2.20 27.88 21.66
C ASN B 399 2.95 27.62 20.32
N ALA B 400 3.58 26.47 20.21
CA ALA B 400 4.35 26.19 18.98
C ALA B 400 3.56 26.02 17.69
N VAL B 401 4.09 26.67 16.64
CA VAL B 401 3.54 26.61 15.29
C VAL B 401 4.71 26.17 14.37
N ARG B 402 4.45 25.23 13.46
CA ARG B 402 5.50 24.78 12.52
C ARG B 402 5.33 25.34 11.13
N LEU B 403 6.29 26.11 10.69
CA LEU B 403 6.24 26.67 9.34
C LEU B 403 7.25 25.88 8.52
N SER B 404 6.82 25.35 7.39
CA SER B 404 7.78 24.63 6.56
C SER B 404 7.56 25.14 5.14
N VAL B 405 8.58 25.79 4.59
CA VAL B 405 8.44 26.38 3.29
C VAL B 405 8.81 25.43 2.14
N GLY B 406 8.55 25.84 0.91
CA GLY B 406 8.84 24.99 -0.23
C GLY B 406 9.59 25.59 -1.39
N ARG B 407 9.65 24.82 -2.47
CA ARG B 407 10.35 25.20 -3.71
C ARG B 407 9.89 26.52 -4.30
N SER B 408 8.60 26.80 -4.19
CA SER B 408 8.02 28.02 -4.77
C SER B 408 7.86 29.23 -3.81
N THR B 409 8.09 29.03 -2.53
CA THR B 409 7.86 30.12 -1.61
C THR B 409 8.75 31.36 -1.92
N THR B 410 8.09 32.52 -1.94
CA THR B 410 8.69 33.84 -2.21
C THR B 410 8.78 34.68 -0.91
N ARG B 411 9.66 35.68 -0.93
CA ARG B 411 9.84 36.59 0.19
C ARG B 411 8.53 37.38 0.34
N ALA B 412 7.86 37.64 -0.78
CA ALA B 412 6.64 38.41 -0.68
C ALA B 412 5.70 37.60 0.18
N GLU B 413 5.51 36.32 -0.16
CA GLU B 413 4.61 35.46 0.62
C GLU B 413 5.05 35.44 2.07
N VAL B 414 6.35 35.43 2.31
CA VAL B 414 6.79 35.45 3.69
C VAL B 414 6.18 36.74 4.33
N ASP B 415 6.37 37.89 3.66
CA ASP B 415 5.83 39.14 4.21
C ASP B 415 4.33 39.05 4.45
N LEU B 416 3.56 38.39 3.58
CA LEU B 416 2.13 38.34 3.81
C LEU B 416 1.77 37.59 5.06
N ILE B 417 2.39 36.43 5.28
CA ILE B 417 1.99 35.68 6.48
C ILE B 417 2.48 36.27 7.78
N VAL B 418 3.56 37.05 7.76
CA VAL B 418 4.03 37.65 8.99
C VAL B 418 2.98 38.75 9.42
N GLN B 419 2.36 39.42 8.46
CA GLN B 419 1.36 40.46 8.80
C GLN B 419 0.12 39.77 9.24
N ASP B 420 -0.17 38.66 8.57
CA ASP B 420 -1.34 37.88 8.91
C ASP B 420 -1.13 37.41 10.36
N LEU B 421 0.09 37.05 10.73
CA LEU B 421 0.30 36.61 12.11
C LEU B 421 0.19 37.83 13.01
N LYS B 422 0.70 38.97 12.55
CA LYS B 422 0.61 40.18 13.40
C LYS B 422 -0.87 40.47 13.72
N GLN B 423 -1.76 40.39 12.72
CA GLN B 423 -3.18 40.69 13.02
C GLN B 423 -3.86 39.56 13.83
N ALA B 424 -3.40 38.33 13.61
CA ALA B 424 -3.93 37.18 14.34
C ALA B 424 -3.62 37.35 15.84
N VAL B 425 -2.36 37.63 16.16
CA VAL B 425 -1.95 37.82 17.55
C VAL B 425 -2.65 39.00 18.23
N ASN B 426 -2.89 40.03 17.46
CA ASN B 426 -3.65 41.18 18.01
C ASN B 426 -5.11 40.84 18.29
N GLN B 427 -5.83 40.25 17.31
CA GLN B 427 -7.24 39.90 17.55
C GLN B 427 -7.29 39.03 18.79
N LEU B 428 -6.24 38.24 18.98
CA LEU B 428 -6.24 37.36 20.12
C LEU B 428 -5.87 38.01 21.41
N GLU B 429 -4.68 38.61 21.47
CA GLU B 429 -4.14 39.24 22.71
C GLU B 429 -4.53 40.72 22.80
#